data_7XAA
#
_entry.id   7XAA
#
_cell.length_a   58.419
_cell.length_b   80.539
_cell.length_c   163.060
_cell.angle_alpha   90.000
_cell.angle_beta   90.000
_cell.angle_gamma   90.000
#
_symmetry.space_group_name_H-M   'P 21 21 21'
#
loop_
_entity.id
_entity.type
_entity.pdbx_description
1 polymer "Isoform 3 of cAMP-specific 3',5'-cyclic phosphodiesterase 4D"
2 non-polymer 'ZINC ION'
3 non-polymer 'MAGNESIUM ION'
4 non-polymer 8-methoxy-2,2-dimethyl-7-(3-methylbut-2-enyl)-9-oxidanyl-5-(pyridin-4-ylmethoxy)pyrano[3,2-b]xanthen-6-one
5 water water
#
_entity_poly.entity_id   1
_entity_poly.type   'polypeptide(L)'
_entity_poly.pdbx_seq_one_letter_code
;MASNKFKRMLNRELTHLSEMSRSGNQVSEFISNTFLDKQHEVEIPSPTQKEKEKKKRPMSQISGVKKLMHSSSLTNSSIP
RFGVKTEQEDVLAKELEDVNKWGLHVFRIAELSGNRPLTVIMHTIFQERDLLKTFKIPVDTLITYLMTLEDHYHADVAYH
NNIHAADVVQSTHVLLSTPALEAVFTDLEILAAIFASAIHDVDHPGVSNQFLINTNSELALMYNDSSVLENHHLAVGFKL
LQEENCDIFQNLTKKQRQSLRKMVIDIVLATDMSKHMNLLADLKTMVETKKVTSSGVLLLDNYSDRIQVLQNMVHCADLS
NPTKPLQLYRQWTDRIMEEFFRQGDRERERGMEISPMCDKHNASVEKSQVGFIDYIVHPLWETWADLVHPDAQDILDTLE
DNREWYQSTIPQSPSPAPDDPEEGRQGQTEKFQFELTLEEDGESDTEKDSGSQVEEDTSCSDSKTLCTQDSESTEIPLDE
QVEEEAVGEEEESQPEACVIDDRSPDT
;
_entity_poly.pdbx_strand_id   A,B
#
# COMPACT_ATOMS: atom_id res chain seq x y z
N THR A 86 44.50 17.79 1.45
CA THR A 86 44.86 16.38 1.33
C THR A 86 44.83 15.92 -0.13
N GLU A 87 45.83 15.12 -0.51
CA GLU A 87 45.92 14.62 -1.88
C GLU A 87 44.64 13.91 -2.29
N GLN A 88 44.19 12.94 -1.48
CA GLN A 88 43.01 12.16 -1.83
C GLN A 88 41.77 13.02 -1.94
N GLU A 89 41.69 14.09 -1.14
CA GLU A 89 40.53 14.99 -1.19
C GLU A 89 40.59 15.88 -2.43
N ASP A 90 41.79 16.30 -2.84
CA ASP A 90 41.95 17.04 -4.09
C ASP A 90 41.38 16.24 -5.26
N VAL A 91 41.66 14.94 -5.29
CA VAL A 91 41.25 14.07 -6.38
C VAL A 91 39.75 13.78 -6.31
N LEU A 92 39.24 13.55 -5.10
CA LEU A 92 37.79 13.42 -4.92
C LEU A 92 37.09 14.67 -5.43
N ALA A 93 37.59 15.84 -5.04
CA ALA A 93 36.96 17.08 -5.48
C ALA A 93 37.00 17.21 -7.00
N LYS A 94 38.13 16.81 -7.61
CA LYS A 94 38.21 16.80 -9.07
C LYS A 94 37.12 15.91 -9.68
N GLU A 95 36.99 14.68 -9.16
CA GLU A 95 35.98 13.77 -9.69
C GLU A 95 34.57 14.33 -9.51
N LEU A 96 34.32 15.03 -8.41
CA LEU A 96 33.01 15.62 -8.14
C LEU A 96 32.68 16.79 -9.06
N GLU A 97 33.67 17.32 -9.79
CA GLU A 97 33.35 18.31 -10.82
C GLU A 97 32.53 17.72 -11.94
N ASP A 98 32.44 16.39 -12.03
CA ASP A 98 31.69 15.74 -13.11
C ASP A 98 30.23 15.51 -12.77
N VAL A 99 29.76 16.06 -11.64
CA VAL A 99 28.46 15.66 -11.10
C VAL A 99 27.31 15.95 -12.06
N ASN A 100 27.50 16.86 -13.02
CA ASN A 100 26.48 17.18 -14.02
C ASN A 100 26.56 16.31 -15.27
N LYS A 101 27.44 15.32 -15.30
CA LYS A 101 27.70 14.53 -16.50
C LYS A 101 27.18 13.11 -16.35
N TRP A 102 26.58 12.60 -17.42
CA TRP A 102 26.25 11.18 -17.51
C TRP A 102 27.55 10.40 -17.53
N GLY A 103 27.60 9.31 -16.77
CA GLY A 103 28.85 8.58 -16.74
C GLY A 103 29.91 9.10 -15.77
N LEU A 104 29.51 9.89 -14.77
CA LEU A 104 30.35 10.18 -13.61
C LEU A 104 31.00 8.89 -13.11
N HIS A 105 32.24 8.95 -12.59
CA HIS A 105 32.91 7.74 -12.11
C HIS A 105 32.46 7.43 -10.68
N VAL A 106 31.24 6.89 -10.56
CA VAL A 106 30.65 6.84 -9.23
C VAL A 106 31.38 5.84 -8.35
N PHE A 107 31.99 4.80 -8.95
CA PHE A 107 32.73 3.82 -8.16
C PHE A 107 34.04 4.40 -7.66
N ARG A 108 34.71 5.22 -8.48
CA ARG A 108 35.89 5.93 -8.00
C ARG A 108 35.52 6.85 -6.87
N ILE A 109 34.39 7.55 -7.01
CA ILE A 109 33.95 8.47 -5.96
C ILE A 109 33.67 7.70 -4.68
N ALA A 110 33.12 6.49 -4.80
CA ALA A 110 32.88 5.69 -3.60
C ALA A 110 34.18 5.35 -2.88
N GLU A 111 35.20 4.95 -3.65
CA GLU A 111 36.51 4.65 -3.10
C GLU A 111 37.17 5.90 -2.53
N LEU A 112 37.16 6.99 -3.30
CA LEU A 112 37.87 8.20 -2.89
C LEU A 112 37.24 8.85 -1.67
N SER A 113 35.96 8.60 -1.41
CA SER A 113 35.23 9.27 -0.34
C SER A 113 35.14 8.43 0.92
N GLY A 114 35.86 7.31 0.98
CA GLY A 114 35.79 6.46 2.17
C GLY A 114 34.48 5.72 2.28
N ASN A 115 33.95 5.25 1.16
CA ASN A 115 32.65 4.58 1.07
C ASN A 115 31.52 5.51 1.51
N ARG A 116 31.61 6.78 1.09
CA ARG A 116 30.54 7.76 1.28
C ARG A 116 30.09 8.37 -0.04
N PRO A 117 29.90 7.59 -1.10
CA PRO A 117 29.45 8.21 -2.36
C PRO A 117 28.12 8.93 -2.20
N LEU A 118 27.19 8.38 -1.43
CA LEU A 118 25.86 8.99 -1.31
C LEU A 118 25.95 10.34 -0.61
N THR A 119 26.68 10.40 0.51
CA THR A 119 26.82 11.68 1.21
C THR A 119 27.48 12.74 0.33
N VAL A 120 28.60 12.40 -0.31
CA VAL A 120 29.34 13.44 -1.01
C VAL A 120 28.61 13.88 -2.28
N ILE A 121 27.95 12.94 -2.96
CA ILE A 121 27.24 13.30 -4.19
C ILE A 121 25.98 14.12 -3.87
N MET A 122 25.22 13.73 -2.85
CA MET A 122 24.08 14.52 -2.43
C MET A 122 24.49 15.92 -1.98
N HIS A 123 25.51 16.01 -1.12
CA HIS A 123 25.99 17.31 -0.69
C HIS A 123 26.41 18.17 -1.88
N THR A 124 27.18 17.59 -2.81
CA THR A 124 27.61 18.34 -3.98
C THR A 124 26.43 18.83 -4.79
N ILE A 125 25.43 17.97 -4.98
CA ILE A 125 24.26 18.36 -5.75
C ILE A 125 23.45 19.43 -5.03
N PHE A 126 23.32 19.34 -3.69
CA PHE A 126 22.56 20.38 -2.99
C PHE A 126 23.27 21.73 -3.08
N GLN A 127 24.60 21.73 -2.98
CA GLN A 127 25.36 22.97 -3.19
C GLN A 127 25.17 23.47 -4.62
N GLU A 128 25.29 22.55 -5.60
CA GLU A 128 25.17 22.94 -7.01
C GLU A 128 23.81 23.56 -7.31
N ARG A 129 22.73 23.01 -6.77
CA ARG A 129 21.39 23.53 -7.01
C ARG A 129 20.97 24.58 -6.00
N ASP A 130 21.86 24.98 -5.08
CA ASP A 130 21.58 26.02 -4.10
C ASP A 130 20.43 25.62 -3.18
N LEU A 131 20.28 24.32 -2.95
CA LEU A 131 19.15 23.85 -2.17
C LEU A 131 19.30 24.19 -0.69
N LEU A 132 20.52 24.22 -0.16
CA LEU A 132 20.67 24.54 1.27
C LEU A 132 20.15 25.94 1.57
N LYS A 133 20.45 26.91 0.70
CA LYS A 133 19.94 28.25 0.89
C LYS A 133 18.44 28.32 0.62
N THR A 134 17.97 27.70 -0.47
CA THR A 134 16.56 27.81 -0.83
C THR A 134 15.64 27.28 0.28
N PHE A 135 16.04 26.20 0.93
CA PHE A 135 15.19 25.60 1.96
C PHE A 135 15.78 25.74 3.36
N LYS A 136 16.78 26.60 3.53
CA LYS A 136 17.34 26.91 4.85
C LYS A 136 17.81 25.63 5.55
N ILE A 137 18.51 24.79 4.80
CA ILE A 137 19.01 23.52 5.33
C ILE A 137 20.38 23.78 5.97
N PRO A 138 20.50 23.68 7.29
CA PRO A 138 21.83 23.78 7.91
C PRO A 138 22.73 22.68 7.37
N VAL A 139 23.97 23.05 7.05
CA VAL A 139 24.86 22.10 6.40
C VAL A 139 25.15 20.92 7.32
N ASP A 140 25.28 21.16 8.63
CA ASP A 140 25.56 20.07 9.56
C ASP A 140 24.37 19.11 9.65
N THR A 141 23.16 19.63 9.57
CA THR A 141 21.99 18.77 9.52
C THR A 141 22.00 17.89 8.26
N LEU A 142 22.28 18.50 7.11
CA LEU A 142 22.33 17.75 5.86
C LEU A 142 23.33 16.61 5.93
N ILE A 143 24.57 16.91 6.38
CA ILE A 143 25.60 15.88 6.44
C ILE A 143 25.21 14.79 7.42
N THR A 144 24.66 15.17 8.56
CA THR A 144 24.29 14.18 9.55
C THR A 144 23.23 13.23 9.01
N TYR A 145 22.17 13.79 8.42
CA TYR A 145 21.15 12.93 7.82
C TYR A 145 21.75 12.06 6.72
N LEU A 146 22.52 12.67 5.80
CA LEU A 146 23.08 11.90 4.70
C LEU A 146 23.90 10.72 5.20
N MET A 147 24.72 10.94 6.24
CA MET A 147 25.54 9.83 6.74
C MET A 147 24.70 8.76 7.43
N THR A 148 23.66 9.15 8.17
CA THR A 148 22.78 8.15 8.76
C THR A 148 22.02 7.38 7.68
N LEU A 149 21.52 8.09 6.67
CA LEU A 149 20.86 7.42 5.55
C LEU A 149 21.80 6.46 4.86
N GLU A 150 23.01 6.93 4.53
CA GLU A 150 23.98 6.06 3.88
C GLU A 150 24.28 4.84 4.74
N ASP A 151 24.39 5.01 6.07
CA ASP A 151 24.65 3.88 6.95
C ASP A 151 23.58 2.79 6.84
N HIS A 152 22.34 3.17 6.55
CA HIS A 152 21.25 2.20 6.53
C HIS A 152 21.10 1.49 5.19
N TYR A 153 21.95 1.78 4.20
CA TYR A 153 22.16 0.87 3.09
C TYR A 153 23.12 -0.22 3.55
N HIS A 154 22.95 -1.43 3.04
CA HIS A 154 23.74 -2.56 3.50
C HIS A 154 25.06 -2.62 2.74
N ALA A 155 26.16 -2.46 3.46
CA ALA A 155 27.48 -2.53 2.82
C ALA A 155 27.79 -3.92 2.29
N ASP A 156 27.10 -4.96 2.74
CA ASP A 156 27.36 -6.33 2.31
C ASP A 156 26.40 -6.80 1.23
N VAL A 157 25.60 -5.92 0.65
CA VAL A 157 24.73 -6.27 -0.47
C VAL A 157 25.41 -5.77 -1.73
N ALA A 158 25.45 -6.61 -2.78
CA ALA A 158 26.38 -6.34 -3.88
C ALA A 158 25.90 -5.21 -4.78
N TYR A 159 24.60 -5.13 -5.05
CA TYR A 159 24.08 -4.11 -5.95
C TYR A 159 23.26 -3.05 -5.23
N HIS A 160 22.26 -3.46 -4.46
CA HIS A 160 21.34 -2.51 -3.81
C HIS A 160 21.94 -1.93 -2.53
N ASN A 161 23.01 -1.16 -2.72
CA ASN A 161 23.78 -0.54 -1.66
C ASN A 161 23.84 0.98 -1.84
N ASN A 162 24.71 1.63 -1.04
CA ASN A 162 24.85 3.08 -1.11
C ASN A 162 25.43 3.56 -2.45
N ILE A 163 26.21 2.73 -3.15
CA ILE A 163 26.71 3.17 -4.45
C ILE A 163 25.56 3.27 -5.45
N HIS A 164 24.68 2.26 -5.49
CA HIS A 164 23.45 2.35 -6.28
C HIS A 164 22.66 3.61 -5.95
N ALA A 165 22.47 3.89 -4.66
CA ALA A 165 21.72 5.09 -4.27
C ALA A 165 22.35 6.36 -4.82
N ALA A 166 23.67 6.50 -4.66
CA ALA A 166 24.37 7.68 -5.16
C ALA A 166 24.21 7.81 -6.66
N ASP A 167 24.29 6.69 -7.37
CA ASP A 167 24.20 6.68 -8.83
C ASP A 167 22.83 7.13 -9.29
N VAL A 168 21.77 6.70 -8.60
CA VAL A 168 20.41 7.06 -8.99
C VAL A 168 20.12 8.52 -8.67
N VAL A 169 20.60 9.01 -7.52
CA VAL A 169 20.59 10.44 -7.21
C VAL A 169 21.22 11.24 -8.34
N GLN A 170 22.42 10.84 -8.74
CA GLN A 170 23.18 11.65 -9.70
C GLN A 170 22.55 11.57 -11.08
N SER A 171 22.02 10.41 -11.45
CA SER A 171 21.33 10.26 -12.72
C SER A 171 20.05 11.09 -12.75
N THR A 172 19.26 11.03 -11.66
CA THR A 172 18.11 11.92 -11.58
C THR A 172 18.53 13.38 -11.67
N HIS A 173 19.64 13.75 -11.02
CA HIS A 173 20.11 15.13 -11.08
C HIS A 173 20.38 15.58 -12.53
N VAL A 174 21.01 14.71 -13.33
CA VAL A 174 21.24 15.02 -14.74
C VAL A 174 19.92 15.09 -15.51
N LEU A 175 19.06 14.09 -15.31
CA LEU A 175 17.77 14.09 -16.04
C LEU A 175 16.94 15.33 -15.72
N LEU A 176 17.00 15.84 -14.49
CA LEU A 176 16.25 17.04 -14.14
C LEU A 176 16.71 18.25 -14.93
N SER A 177 18.00 18.29 -15.28
CA SER A 177 18.59 19.43 -15.95
C SER A 177 18.39 19.41 -17.46
N THR A 178 17.59 18.49 -17.99
CA THR A 178 17.49 18.36 -19.44
C THR A 178 16.79 19.59 -20.02
N PRO A 179 17.22 20.06 -21.20
CA PRO A 179 16.68 21.33 -21.73
C PRO A 179 15.17 21.33 -21.90
N ALA A 180 14.57 20.23 -22.35
CA ALA A 180 13.11 20.16 -22.49
C ALA A 180 12.35 20.36 -21.17
N LEU A 181 13.04 20.39 -20.03
CA LEU A 181 12.35 20.53 -18.75
C LEU A 181 12.74 21.80 -18.01
N GLU A 182 13.43 22.72 -18.67
CA GLU A 182 13.93 23.90 -17.98
C GLU A 182 12.76 24.74 -17.46
N ALA A 183 12.87 25.15 -16.19
CA ALA A 183 11.85 25.92 -15.48
C ALA A 183 10.50 25.20 -15.40
N VAL A 184 10.46 23.88 -15.62
CA VAL A 184 9.17 23.20 -15.48
C VAL A 184 8.86 22.92 -14.02
N PHE A 185 9.81 22.38 -13.29
CA PHE A 185 9.56 21.87 -11.95
C PHE A 185 10.00 22.90 -10.90
N THR A 186 9.24 22.98 -9.81
CA THR A 186 9.60 23.88 -8.74
C THR A 186 10.81 23.36 -7.98
N ASP A 187 11.43 24.25 -7.20
CA ASP A 187 12.46 23.81 -6.26
C ASP A 187 11.96 22.67 -5.36
N LEU A 188 10.70 22.74 -4.91
CA LEU A 188 10.20 21.68 -4.04
C LEU A 188 10.09 20.35 -4.79
N GLU A 189 9.66 20.39 -6.06
CA GLU A 189 9.59 19.17 -6.86
C GLU A 189 10.99 18.63 -7.14
N ILE A 190 11.95 19.51 -7.45
CA ILE A 190 13.34 19.07 -7.63
C ILE A 190 13.85 18.43 -6.35
N LEU A 191 13.61 19.08 -5.21
CA LEU A 191 13.98 18.51 -3.91
C LEU A 191 13.37 17.13 -3.71
N ALA A 192 12.07 17.01 -4.01
CA ALA A 192 11.39 15.73 -3.81
C ALA A 192 12.02 14.63 -4.65
N ALA A 193 12.30 14.92 -5.93
CA ALA A 193 12.83 13.89 -6.82
C ALA A 193 14.21 13.44 -6.38
N ILE A 194 15.05 14.38 -5.95
CA ILE A 194 16.40 14.04 -5.51
C ILE A 194 16.36 13.30 -4.18
N PHE A 195 15.56 13.79 -3.23
CA PHE A 195 15.42 13.08 -1.96
C PHE A 195 14.87 11.66 -2.17
N ALA A 196 13.80 11.52 -2.97
CA ALA A 196 13.28 10.19 -3.29
C ALA A 196 14.36 9.29 -3.86
N SER A 197 15.18 9.81 -4.76
CA SER A 197 16.26 9.00 -5.33
C SER A 197 17.24 8.54 -4.27
N ALA A 198 17.55 9.40 -3.31
CA ALA A 198 18.52 9.04 -2.26
C ALA A 198 18.00 7.92 -1.37
N ILE A 199 16.71 7.95 -1.02
CA ILE A 199 16.16 6.98 -0.06
C ILE A 199 15.59 5.75 -0.73
N HIS A 200 15.57 5.70 -2.08
CA HIS A 200 14.62 4.83 -2.78
C HIS A 200 14.89 3.35 -2.57
N ASP A 201 16.09 2.95 -2.12
CA ASP A 201 16.37 1.55 -1.82
C ASP A 201 16.96 1.35 -0.42
N VAL A 202 16.81 2.31 0.50
CA VAL A 202 17.52 2.22 1.77
C VAL A 202 17.08 0.98 2.54
N ASP A 203 18.05 0.33 3.20
CA ASP A 203 17.83 -0.90 3.97
C ASP A 203 17.32 -2.04 3.08
N HIS A 204 17.68 -2.03 1.79
CA HIS A 204 17.37 -3.14 0.91
C HIS A 204 18.16 -4.36 1.38
N PRO A 205 17.52 -5.51 1.60
CA PRO A 205 18.25 -6.69 2.08
C PRO A 205 18.91 -7.52 0.99
N GLY A 206 18.79 -7.15 -0.28
CA GLY A 206 19.43 -7.94 -1.32
C GLY A 206 18.60 -9.07 -1.89
N VAL A 207 17.30 -9.10 -1.60
CA VAL A 207 16.41 -10.11 -2.16
C VAL A 207 15.15 -9.41 -2.65
N SER A 208 14.49 -10.01 -3.63
CA SER A 208 13.35 -9.40 -4.31
C SER A 208 12.08 -9.42 -3.46
N ASN A 209 11.11 -8.61 -3.88
CA ASN A 209 9.77 -8.65 -3.28
C ASN A 209 9.20 -10.06 -3.32
N GLN A 210 9.32 -10.73 -4.48
CA GLN A 210 8.74 -12.07 -4.61
C GLN A 210 9.37 -13.04 -3.63
N PHE A 211 10.68 -12.91 -3.43
CA PHE A 211 11.36 -13.75 -2.44
C PHE A 211 10.82 -13.46 -1.05
N LEU A 212 10.61 -12.19 -0.71
CA LEU A 212 10.13 -11.85 0.62
C LEU A 212 8.69 -12.32 0.83
N ILE A 213 7.89 -12.34 -0.24
CA ILE A 213 6.54 -12.87 -0.15
C ILE A 213 6.58 -14.39 0.02
N ASN A 214 7.40 -15.06 -0.79
CA ASN A 214 7.43 -16.52 -0.80
C ASN A 214 8.03 -17.09 0.47
N THR A 215 8.91 -16.36 1.14
CA THR A 215 9.47 -16.86 2.38
C THR A 215 8.71 -16.38 3.62
N ASN A 216 7.52 -15.82 3.44
CA ASN A 216 6.70 -15.33 4.55
C ASN A 216 7.51 -14.45 5.51
N SER A 217 8.27 -13.52 4.94
CA SER A 217 9.12 -12.63 5.73
C SER A 217 8.29 -11.67 6.57
N GLU A 218 8.93 -11.11 7.60
CA GLU A 218 8.30 -10.07 8.41
C GLU A 218 7.93 -8.84 7.55
N LEU A 219 8.80 -8.47 6.61
CA LEU A 219 8.51 -7.34 5.73
C LEU A 219 7.24 -7.58 4.92
N ALA A 220 7.11 -8.76 4.30
CA ALA A 220 5.93 -9.00 3.49
C ALA A 220 4.69 -9.10 4.35
N LEU A 221 4.85 -9.58 5.59
CA LEU A 221 3.75 -9.62 6.54
C LEU A 221 3.33 -8.22 6.97
N MET A 222 4.29 -7.33 7.14
CA MET A 222 3.97 -5.96 7.53
C MET A 222 3.22 -5.23 6.43
N TYR A 223 3.62 -5.44 5.17
CA TYR A 223 3.16 -4.65 4.04
C TYR A 223 2.18 -5.40 3.14
N ASN A 224 1.69 -6.57 3.58
CA ASN A 224 0.61 -7.30 2.91
C ASN A 224 0.95 -7.63 1.46
N ASP A 225 2.20 -8.04 1.24
CA ASP A 225 2.70 -8.49 -0.06
C ASP A 225 2.66 -7.41 -1.14
N SER A 226 2.38 -6.15 -0.79
CA SER A 226 2.18 -5.08 -1.76
C SER A 226 3.34 -4.07 -1.70
N SER A 227 4.08 -3.94 -2.79
CA SER A 227 5.27 -3.06 -2.84
C SER A 227 6.07 -3.12 -1.54
N VAL A 228 6.41 -4.36 -1.14
CA VAL A 228 6.96 -4.62 0.21
C VAL A 228 8.22 -3.80 0.45
N LEU A 229 9.23 -3.98 -0.42
CA LEU A 229 10.47 -3.23 -0.26
C LEU A 229 10.23 -1.73 -0.37
N GLU A 230 9.45 -1.31 -1.37
CA GLU A 230 9.33 0.11 -1.67
C GLU A 230 8.66 0.88 -0.53
N ASN A 231 7.62 0.29 0.09
CA ASN A 231 7.06 0.86 1.30
C ASN A 231 8.10 0.94 2.40
N HIS A 232 8.94 -0.08 2.51
CA HIS A 232 9.95 -0.10 3.57
C HIS A 232 11.00 0.98 3.35
N HIS A 233 11.47 1.17 2.12
CA HIS A 233 12.47 2.21 1.87
C HIS A 233 11.93 3.58 2.29
N LEU A 234 10.70 3.89 1.88
CA LEU A 234 10.03 5.11 2.32
C LEU A 234 9.98 5.21 3.84
N ALA A 235 9.46 4.17 4.51
CA ALA A 235 9.31 4.26 5.97
C ALA A 235 10.66 4.52 6.64
N VAL A 236 11.73 3.85 6.19
CA VAL A 236 13.05 4.07 6.79
C VAL A 236 13.57 5.47 6.45
N GLY A 237 13.43 5.88 5.18
CA GLY A 237 13.94 7.18 4.76
C GLY A 237 13.32 8.35 5.51
N PHE A 238 12.00 8.29 5.75
CA PHE A 238 11.34 9.35 6.51
C PHE A 238 11.66 9.23 8.01
N LYS A 239 11.68 8.01 8.55
CA LYS A 239 11.95 7.84 9.97
C LYS A 239 13.30 8.42 10.37
N LEU A 240 14.32 8.21 9.54
CA LEU A 240 15.64 8.70 9.92
C LEU A 240 15.69 10.22 10.01
N LEU A 241 14.73 10.93 9.42
CA LEU A 241 14.67 12.38 9.56
C LEU A 241 14.42 12.79 11.00
N GLN A 242 13.94 11.87 11.83
CA GLN A 242 13.59 12.16 13.20
C GLN A 242 14.73 11.92 14.16
N GLU A 243 15.85 11.36 13.70
CA GLU A 243 17.02 11.18 14.53
C GLU A 243 17.67 12.53 14.84
N GLU A 244 18.50 12.54 15.88
CA GLU A 244 19.11 13.76 16.38
C GLU A 244 19.84 14.53 15.28
N ASN A 245 19.44 15.79 15.11
CA ASN A 245 20.02 16.71 14.12
C ASN A 245 19.96 16.12 12.71
N CYS A 246 18.85 15.46 12.38
CA CYS A 246 18.69 14.84 11.08
C CYS A 246 17.57 15.42 10.22
N ASP A 247 16.77 16.37 10.72
CA ASP A 247 15.59 16.80 9.95
C ASP A 247 15.99 17.91 8.98
N ILE A 248 16.38 17.50 7.78
CA ILE A 248 16.80 18.45 6.76
C ILE A 248 15.64 19.28 6.24
N PHE A 249 14.39 18.91 6.55
CA PHE A 249 13.24 19.69 6.14
C PHE A 249 12.68 20.58 7.27
N GLN A 250 13.47 20.80 8.33
CA GLN A 250 13.01 21.50 9.53
C GLN A 250 12.50 22.92 9.26
N ASN A 251 12.96 23.57 8.19
CA ASN A 251 12.53 24.93 7.90
C ASN A 251 11.59 25.03 6.71
N LEU A 252 11.10 23.92 6.18
CA LEU A 252 10.03 24.01 5.21
C LEU A 252 8.74 24.40 5.91
N THR A 253 7.82 25.02 5.17
CA THR A 253 6.50 25.26 5.74
C THR A 253 5.78 23.92 5.92
N LYS A 254 4.71 23.93 6.72
CA LYS A 254 3.87 22.75 6.87
C LYS A 254 3.39 22.25 5.50
N LYS A 255 2.87 23.18 4.70
CA LYS A 255 2.35 22.83 3.38
C LYS A 255 3.45 22.26 2.50
N GLN A 256 4.65 22.83 2.60
CA GLN A 256 5.78 22.32 1.83
C GLN A 256 6.14 20.90 2.26
N ARG A 257 6.17 20.65 3.57
CA ARG A 257 6.50 19.32 4.05
C ARG A 257 5.45 18.32 3.57
N GLN A 258 4.19 18.69 3.68
CA GLN A 258 3.11 17.77 3.30
C GLN A 258 3.16 17.44 1.82
N SER A 259 3.37 18.45 0.98
CA SER A 259 3.47 18.21 -0.46
C SER A 259 4.72 17.41 -0.80
N LEU A 260 5.86 17.72 -0.17
CA LEU A 260 7.07 16.93 -0.39
C LEU A 260 6.85 15.48 -0.01
N ARG A 261 6.25 15.25 1.16
CA ARG A 261 6.07 13.86 1.62
C ARG A 261 5.24 13.07 0.63
N LYS A 262 4.11 13.64 0.17
CA LYS A 262 3.26 12.94 -0.80
C LYS A 262 4.00 12.66 -2.11
N MET A 263 4.75 13.63 -2.63
CA MET A 263 5.43 13.43 -3.90
C MET A 263 6.49 12.33 -3.79
N VAL A 264 7.27 12.34 -2.70
CA VAL A 264 8.31 11.34 -2.49
C VAL A 264 7.70 9.93 -2.43
N ILE A 265 6.60 9.78 -1.70
CA ILE A 265 5.91 8.49 -1.62
C ILE A 265 5.49 8.04 -3.01
N ASP A 266 4.84 8.94 -3.75
CA ASP A 266 4.38 8.63 -5.10
C ASP A 266 5.54 8.19 -5.99
N ILE A 267 6.71 8.81 -5.82
CA ILE A 267 7.85 8.51 -6.68
C ILE A 267 8.45 7.15 -6.31
N VAL A 268 8.74 6.92 -5.03
CA VAL A 268 9.40 5.69 -4.62
C VAL A 268 8.50 4.47 -4.86
N LEU A 269 7.19 4.58 -4.57
CA LEU A 269 6.29 3.47 -4.90
C LEU A 269 6.30 3.15 -6.40
N ALA A 270 6.60 4.14 -7.24
CA ALA A 270 6.66 3.87 -8.68
C ALA A 270 7.93 3.13 -9.12
N THR A 271 8.90 2.93 -8.22
CA THR A 271 10.07 2.13 -8.56
C THR A 271 9.80 0.63 -8.50
N ASP A 272 8.68 0.22 -7.91
CA ASP A 272 8.29 -1.17 -7.90
C ASP A 272 8.17 -1.69 -9.33
N MET A 273 9.04 -2.65 -9.70
CA MET A 273 9.05 -3.17 -11.07
C MET A 273 7.72 -3.81 -11.47
N SER A 274 6.87 -4.19 -10.51
CA SER A 274 5.57 -4.70 -10.93
C SER A 274 4.67 -3.59 -11.45
N LYS A 275 5.04 -2.32 -11.29
CA LYS A 275 4.30 -1.20 -11.85
C LYS A 275 4.86 -0.72 -13.17
N HIS A 276 5.94 -1.33 -13.66
CA HIS A 276 6.64 -0.78 -14.83
C HIS A 276 5.73 -0.72 -16.06
N MET A 277 5.04 -1.81 -16.37
CA MET A 277 4.24 -1.83 -17.60
C MET A 277 3.19 -0.73 -17.60
N ASN A 278 2.46 -0.56 -16.51
CA ASN A 278 1.42 0.48 -16.48
C ASN A 278 2.05 1.86 -16.50
N LEU A 279 3.17 2.02 -15.80
CA LEU A 279 3.89 3.29 -15.80
C LEU A 279 4.34 3.66 -17.21
N LEU A 280 4.96 2.70 -17.92
CA LEU A 280 5.42 2.99 -19.28
C LEU A 280 4.25 3.24 -20.21
N ALA A 281 3.16 2.48 -20.06
CA ALA A 281 1.98 2.70 -20.90
C ALA A 281 1.42 4.09 -20.70
N ASP A 282 1.46 4.59 -19.47
CA ASP A 282 1.03 5.96 -19.21
C ASP A 282 1.99 6.98 -19.81
N LEU A 283 3.30 6.70 -19.73
CA LEU A 283 4.28 7.60 -20.34
C LEU A 283 4.11 7.66 -21.86
N LYS A 284 3.85 6.52 -22.49
CA LYS A 284 3.58 6.51 -23.92
C LYS A 284 2.42 7.42 -24.27
N THR A 285 1.32 7.33 -23.51
CA THR A 285 0.17 8.18 -23.78
C THR A 285 0.53 9.66 -23.67
N MET A 286 1.33 10.02 -22.66
CA MET A 286 1.73 11.40 -22.51
C MET A 286 2.59 11.86 -23.69
N VAL A 287 3.51 11.03 -24.15
CA VAL A 287 4.31 11.38 -25.32
C VAL A 287 3.40 11.60 -26.53
N GLU A 288 2.40 10.72 -26.71
CA GLU A 288 1.55 10.80 -27.89
C GLU A 288 0.69 12.05 -27.88
N THR A 289 0.32 12.55 -26.70
CA THR A 289 -0.51 13.74 -26.57
C THR A 289 0.26 14.92 -26.01
N LYS A 290 1.59 14.93 -26.23
CA LYS A 290 2.48 15.88 -25.59
C LYS A 290 2.16 17.32 -25.98
N LYS A 291 2.14 18.20 -24.98
CA LYS A 291 2.06 19.64 -25.19
C LYS A 291 3.36 20.33 -24.78
N VAL A 292 3.83 21.26 -25.60
CA VAL A 292 4.97 22.09 -25.25
C VAL A 292 4.53 23.55 -25.18
N THR A 293 5.42 24.38 -24.65
CA THR A 293 5.18 25.81 -24.50
C THR A 293 5.80 26.56 -25.66
N SER A 294 5.52 27.88 -25.71
CA SER A 294 6.08 28.72 -26.77
C SER A 294 7.61 28.69 -26.79
N SER A 295 8.24 28.31 -25.68
CA SER A 295 9.70 28.18 -25.62
C SER A 295 10.20 26.78 -25.93
N GLY A 296 9.33 25.84 -26.30
CA GLY A 296 9.73 24.50 -26.65
C GLY A 296 9.88 23.57 -25.46
N VAL A 297 9.52 24.00 -24.28
CA VAL A 297 9.71 23.26 -23.04
C VAL A 297 8.41 22.52 -22.73
N LEU A 298 8.53 21.37 -22.08
CA LEU A 298 7.37 20.53 -21.82
C LEU A 298 6.34 21.27 -20.97
N LEU A 299 5.07 21.09 -21.30
CA LEU A 299 4.00 21.77 -20.59
C LEU A 299 3.24 20.76 -19.72
N LEU A 300 3.24 20.98 -18.40
CA LEU A 300 2.61 20.08 -17.43
C LEU A 300 1.60 20.84 -16.58
N ASP A 301 0.31 20.58 -16.84
CA ASP A 301 -0.82 21.39 -16.36
C ASP A 301 -1.19 21.14 -14.92
N ASN A 302 -0.84 19.98 -14.37
CA ASN A 302 -1.56 19.46 -13.23
C ASN A 302 -0.67 18.46 -12.52
N TYR A 303 -1.05 18.13 -11.28
CA TYR A 303 -0.23 17.25 -10.47
C TYR A 303 -0.03 15.91 -11.15
N SER A 304 -1.12 15.35 -11.69
CA SER A 304 -1.07 14.02 -12.27
C SER A 304 0.02 13.90 -13.32
N ASP A 305 0.12 14.90 -14.22
CA ASP A 305 1.17 14.86 -15.25
C ASP A 305 2.55 15.15 -14.66
N ARG A 306 2.63 16.08 -13.70
CA ARG A 306 3.91 16.44 -13.12
C ARG A 306 4.51 15.27 -12.34
N ILE A 307 3.71 14.65 -11.47
CA ILE A 307 4.23 13.52 -10.69
C ILE A 307 4.54 12.34 -11.60
N GLN A 308 3.76 12.18 -12.68
CA GLN A 308 4.02 11.08 -13.60
C GLN A 308 5.38 11.23 -14.27
N VAL A 309 5.73 12.46 -14.64
CA VAL A 309 7.06 12.70 -15.22
C VAL A 309 8.16 12.44 -14.18
N LEU A 310 7.98 12.92 -12.95
CA LEU A 310 8.97 12.64 -11.92
C LEU A 310 9.07 11.15 -11.61
N GLN A 311 7.93 10.44 -11.65
CA GLN A 311 7.94 9.00 -11.38
C GLN A 311 8.76 8.25 -12.41
N ASN A 312 8.49 8.51 -13.70
CA ASN A 312 9.26 7.87 -14.76
C ASN A 312 10.71 8.36 -14.79
N MET A 313 10.95 9.61 -14.42
CA MET A 313 12.31 10.12 -14.40
C MET A 313 13.15 9.31 -13.42
N VAL A 314 12.67 9.16 -12.18
CA VAL A 314 13.43 8.40 -11.18
C VAL A 314 13.49 6.92 -11.57
N HIS A 315 12.41 6.39 -12.18
CA HIS A 315 12.40 5.01 -12.66
C HIS A 315 13.43 4.81 -13.78
N CYS A 316 13.56 5.79 -14.67
CA CYS A 316 14.61 5.74 -15.69
C CYS A 316 15.98 5.76 -15.07
N ALA A 317 16.19 6.62 -14.08
CA ALA A 317 17.47 6.67 -13.37
C ALA A 317 17.77 5.35 -12.69
N ASP A 318 16.75 4.70 -12.13
CA ASP A 318 16.90 3.37 -11.54
C ASP A 318 17.30 2.33 -12.58
N LEU A 319 16.78 2.46 -13.80
CA LEU A 319 17.08 1.57 -14.91
C LEU A 319 18.08 2.18 -15.88
N SER A 320 19.05 2.95 -15.38
CA SER A 320 19.98 3.64 -16.26
C SER A 320 21.33 2.94 -16.44
N ASN A 321 21.61 1.85 -15.68
CA ASN A 321 22.90 1.19 -15.88
C ASN A 321 23.19 0.86 -17.34
N PRO A 322 22.27 0.25 -18.11
CA PRO A 322 22.62 -0.10 -19.51
C PRO A 322 22.84 1.11 -20.40
N THR A 323 22.54 2.32 -19.94
CA THR A 323 22.81 3.52 -20.73
C THR A 323 24.16 4.15 -20.41
N LYS A 324 24.86 3.67 -19.39
CA LYS A 324 26.10 4.31 -19.00
C LYS A 324 27.25 3.76 -19.83
N PRO A 325 28.37 4.51 -19.91
CA PRO A 325 29.59 3.97 -20.52
C PRO A 325 29.84 2.53 -20.13
N LEU A 326 30.35 1.71 -21.06
CA LEU A 326 30.31 0.27 -20.87
C LEU A 326 31.08 -0.19 -19.64
N GLN A 327 32.19 0.48 -19.31
CA GLN A 327 32.96 0.03 -18.15
C GLN A 327 32.17 0.22 -16.87
N LEU A 328 31.23 1.17 -16.84
CA LEU A 328 30.33 1.32 -15.70
C LEU A 328 29.23 0.26 -15.72
N TYR A 329 28.60 0.11 -16.88
CA TYR A 329 27.52 -0.86 -17.04
C TYR A 329 27.97 -2.26 -16.64
N ARG A 330 29.18 -2.65 -17.09
CA ARG A 330 29.67 -3.99 -16.79
C ARG A 330 29.81 -4.22 -15.28
N GLN A 331 30.31 -3.23 -14.56
CA GLN A 331 30.42 -3.40 -13.12
C GLN A 331 29.03 -3.51 -12.47
N TRP A 332 28.05 -2.72 -12.94
CA TRP A 332 26.68 -2.90 -12.43
C TRP A 332 26.15 -4.30 -12.73
N THR A 333 26.48 -4.85 -13.89
CA THR A 333 26.02 -6.20 -14.22
C THR A 333 26.69 -7.24 -13.32
N ASP A 334 28.02 -7.14 -13.14
CA ASP A 334 28.71 -8.00 -12.18
C ASP A 334 28.00 -7.99 -10.83
N ARG A 335 27.60 -6.80 -10.36
CA ARG A 335 27.04 -6.68 -9.01
C ARG A 335 25.61 -7.22 -8.93
N ILE A 336 24.76 -6.95 -9.93
CA ILE A 336 23.40 -7.50 -9.86
C ILE A 336 23.45 -9.02 -9.93
N MET A 337 24.36 -9.58 -10.73
CA MET A 337 24.43 -11.04 -10.85
C MET A 337 24.89 -11.68 -9.55
N GLU A 338 25.83 -11.06 -8.86
CA GLU A 338 26.25 -11.59 -7.57
C GLU A 338 25.12 -11.54 -6.55
N GLU A 339 24.38 -10.43 -6.52
CA GLU A 339 23.27 -10.34 -5.59
C GLU A 339 22.17 -11.33 -5.95
N PHE A 340 21.85 -11.45 -7.25
CA PHE A 340 20.86 -12.44 -7.70
C PHE A 340 21.32 -13.86 -7.39
N PHE A 341 22.62 -14.15 -7.59
CA PHE A 341 23.10 -15.51 -7.33
C PHE A 341 22.98 -15.88 -5.85
N ARG A 342 23.26 -14.94 -4.94
CA ARG A 342 23.10 -15.20 -3.51
C ARG A 342 21.65 -15.44 -3.12
N GLN A 343 20.70 -14.76 -3.77
CA GLN A 343 19.30 -15.09 -3.51
C GLN A 343 18.98 -16.48 -4.02
N GLY A 344 19.54 -16.86 -5.17
CA GLY A 344 19.28 -18.18 -5.71
C GLY A 344 19.86 -19.29 -4.87
N ASP A 345 20.97 -19.04 -4.19
CA ASP A 345 21.50 -20.02 -3.25
C ASP A 345 20.52 -20.24 -2.10
N ARG A 346 20.05 -19.13 -1.49
CA ARG A 346 19.04 -19.23 -0.44
C ARG A 346 17.79 -19.95 -0.92
N GLU A 347 17.33 -19.63 -2.15
CA GLU A 347 16.20 -20.35 -2.72
C GLU A 347 16.52 -21.84 -2.88
N ARG A 348 17.74 -22.16 -3.33
CA ARG A 348 18.10 -23.56 -3.52
C ARG A 348 18.21 -24.29 -2.18
N GLU A 349 18.78 -23.60 -1.16
CA GLU A 349 18.85 -24.18 0.18
C GLU A 349 17.48 -24.63 0.68
N ARG A 350 16.41 -23.95 0.27
CA ARG A 350 15.09 -24.18 0.84
C ARG A 350 14.21 -25.02 -0.07
N GLY A 351 14.74 -25.57 -1.15
CA GLY A 351 13.90 -26.35 -2.03
C GLY A 351 12.97 -25.54 -2.88
N MET A 352 13.07 -24.21 -2.82
CA MET A 352 12.27 -23.36 -3.68
C MET A 352 12.76 -23.42 -5.12
N GLU A 353 11.83 -23.23 -6.05
CA GLU A 353 12.20 -22.94 -7.43
C GLU A 353 13.06 -21.68 -7.47
N ILE A 354 14.13 -21.73 -8.26
CA ILE A 354 15.08 -20.63 -8.34
C ILE A 354 14.53 -19.55 -9.26
N SER A 355 14.54 -18.30 -8.80
CA SER A 355 13.98 -17.20 -9.58
C SER A 355 14.81 -16.97 -10.85
N PRO A 356 14.22 -16.38 -11.88
CA PRO A 356 15.00 -16.07 -13.09
C PRO A 356 16.27 -15.31 -12.75
N MET A 357 17.37 -15.69 -13.41
CA MET A 357 18.69 -15.07 -13.31
C MET A 357 19.37 -15.33 -11.97
N CYS A 358 18.77 -16.13 -11.11
CA CYS A 358 19.35 -16.37 -9.80
C CYS A 358 20.10 -17.69 -9.68
N ASP A 359 20.16 -18.48 -10.75
CA ASP A 359 20.81 -19.80 -10.68
C ASP A 359 22.22 -19.70 -11.25
N LYS A 360 23.21 -19.62 -10.36
CA LYS A 360 24.61 -19.56 -10.79
C LYS A 360 25.07 -20.82 -11.51
N HIS A 361 24.28 -21.91 -11.52
CA HIS A 361 24.62 -23.10 -12.30
C HIS A 361 23.90 -23.16 -13.64
N ASN A 362 23.02 -22.20 -13.92
CA ASN A 362 22.20 -22.21 -15.12
C ASN A 362 22.01 -20.78 -15.63
N ALA A 363 23.03 -19.94 -15.46
CA ALA A 363 22.95 -18.53 -15.78
C ALA A 363 23.42 -18.27 -17.22
N SER A 364 22.84 -17.23 -17.83
CA SER A 364 23.32 -16.70 -19.10
C SER A 364 23.33 -15.18 -18.95
N VAL A 365 24.43 -14.64 -18.40
CA VAL A 365 24.48 -13.23 -18.03
C VAL A 365 24.23 -12.35 -19.24
N GLU A 366 24.97 -12.61 -20.33
CA GLU A 366 24.89 -11.76 -21.52
C GLU A 366 23.48 -11.79 -22.11
N LYS A 367 22.90 -13.00 -22.25
CA LYS A 367 21.58 -13.11 -22.85
C LYS A 367 20.52 -12.43 -22.01
N SER A 368 20.66 -12.48 -20.69
CA SER A 368 19.68 -11.84 -19.82
C SER A 368 19.76 -10.32 -19.90
N GLN A 369 20.97 -9.76 -20.02
CA GLN A 369 21.07 -8.31 -20.21
C GLN A 369 20.44 -7.89 -21.53
N VAL A 370 20.66 -8.65 -22.61
CA VAL A 370 20.03 -8.31 -23.87
C VAL A 370 18.51 -8.42 -23.75
N GLY A 371 18.02 -9.49 -23.10
CA GLY A 371 16.60 -9.61 -22.87
C GLY A 371 16.02 -8.47 -22.05
N PHE A 372 16.71 -8.09 -20.97
CA PHE A 372 16.23 -6.99 -20.14
C PHE A 372 16.25 -5.66 -20.89
N ILE A 373 17.30 -5.40 -21.68
CA ILE A 373 17.29 -4.17 -22.50
C ILE A 373 16.12 -4.17 -23.46
N ASP A 374 15.97 -5.27 -24.21
CA ASP A 374 14.99 -5.33 -25.29
C ASP A 374 13.55 -5.21 -24.78
N TYR A 375 13.23 -5.88 -23.66
CA TYR A 375 11.85 -5.91 -23.18
C TYR A 375 11.52 -4.86 -22.13
N ILE A 376 12.51 -4.26 -21.47
CA ILE A 376 12.24 -3.34 -20.37
C ILE A 376 12.98 -2.01 -20.59
N VAL A 377 14.31 -2.05 -20.64
CA VAL A 377 15.09 -0.80 -20.52
C VAL A 377 14.95 0.06 -21.77
N HIS A 378 15.08 -0.57 -22.96
CA HIS A 378 14.98 0.21 -24.19
C HIS A 378 13.56 0.73 -24.45
N PRO A 379 12.51 -0.09 -24.28
CA PRO A 379 11.16 0.50 -24.40
C PRO A 379 10.97 1.72 -23.51
N LEU A 380 11.49 1.69 -22.28
CA LEU A 380 11.40 2.85 -21.39
C LEU A 380 12.21 4.02 -21.92
N TRP A 381 13.51 3.80 -22.18
CA TRP A 381 14.39 4.90 -22.53
C TRP A 381 14.07 5.51 -23.90
N GLU A 382 13.59 4.69 -24.84
CA GLU A 382 13.11 5.23 -26.10
C GLU A 382 11.90 6.14 -25.88
N THR A 383 11.04 5.77 -24.95
CA THR A 383 9.87 6.60 -24.67
C THR A 383 10.28 7.87 -23.94
N TRP A 384 11.18 7.77 -22.95
CA TRP A 384 11.68 8.98 -22.31
C TRP A 384 12.39 9.89 -23.32
N ALA A 385 13.21 9.29 -24.21
CA ALA A 385 13.90 10.10 -25.24
C ALA A 385 12.89 10.85 -26.11
N ASP A 386 11.79 10.18 -26.46
CA ASP A 386 10.71 10.84 -27.20
C ASP A 386 10.12 12.01 -26.43
N LEU A 387 9.93 11.84 -25.11
CA LEU A 387 9.33 12.91 -24.31
C LEU A 387 10.20 14.17 -24.32
N VAL A 388 11.52 14.01 -24.31
CA VAL A 388 12.45 15.14 -24.23
C VAL A 388 13.24 15.31 -25.54
N HIS A 389 12.72 14.80 -26.65
CA HIS A 389 13.48 14.75 -27.91
C HIS A 389 13.96 16.16 -28.31
N PRO A 390 15.26 16.30 -28.67
CA PRO A 390 16.29 15.27 -28.81
C PRO A 390 17.29 15.23 -27.66
N ASP A 391 16.91 15.80 -26.50
CA ASP A 391 17.84 15.96 -25.38
C ASP A 391 18.57 14.66 -25.03
N ALA A 392 17.89 13.52 -25.10
CA ALA A 392 18.47 12.28 -24.60
C ALA A 392 19.03 11.36 -25.70
N GLN A 393 19.38 11.91 -26.86
CA GLN A 393 19.75 11.05 -27.99
C GLN A 393 21.05 10.29 -27.71
N ASP A 394 22.02 10.95 -27.05
CA ASP A 394 23.31 10.30 -26.78
C ASP A 394 23.16 9.16 -25.77
N ILE A 395 22.32 9.36 -24.76
CA ILE A 395 22.02 8.31 -23.79
C ILE A 395 21.38 7.11 -24.49
N LEU A 396 20.41 7.38 -25.39
CA LEU A 396 19.80 6.28 -26.13
C LEU A 396 20.84 5.60 -27.03
N ASP A 397 21.70 6.38 -27.68
CA ASP A 397 22.72 5.77 -28.54
C ASP A 397 23.67 4.88 -27.74
N THR A 398 24.05 5.31 -26.53
CA THR A 398 24.90 4.45 -25.70
C THR A 398 24.17 3.18 -25.34
N LEU A 399 22.88 3.30 -24.96
CA LEU A 399 22.11 2.11 -24.64
C LEU A 399 22.12 1.12 -25.80
N GLU A 400 21.93 1.62 -27.03
CA GLU A 400 21.86 0.71 -28.17
C GLU A 400 23.22 0.10 -28.49
N ASP A 401 24.29 0.89 -28.37
CA ASP A 401 25.64 0.34 -28.48
C ASP A 401 25.89 -0.74 -27.43
N ASN A 402 25.50 -0.48 -26.18
CA ASN A 402 25.76 -1.46 -25.13
C ASN A 402 24.97 -2.73 -25.40
N ARG A 403 23.73 -2.59 -25.84
CA ARG A 403 22.92 -3.74 -26.24
C ARG A 403 23.62 -4.56 -27.31
N GLU A 404 24.08 -3.88 -28.35
CA GLU A 404 24.81 -4.57 -29.43
C GLU A 404 26.05 -5.26 -28.89
N TRP A 405 26.77 -4.61 -27.97
CA TRP A 405 27.99 -5.21 -27.45
C TRP A 405 27.69 -6.50 -26.71
N TYR A 406 26.76 -6.46 -25.74
CA TYR A 406 26.37 -7.68 -25.03
C TYR A 406 25.89 -8.75 -26.01
N GLN A 407 25.05 -8.39 -26.97
CA GLN A 407 24.61 -9.30 -28.02
C GLN A 407 25.80 -9.96 -28.73
N SER A 408 26.81 -9.16 -29.08
CA SER A 408 27.96 -9.70 -29.82
C SER A 408 28.75 -10.71 -29.01
N THR A 409 28.56 -10.75 -27.69
CA THR A 409 29.30 -11.67 -26.84
C THR A 409 28.49 -12.91 -26.48
N ILE A 410 27.46 -13.25 -27.25
CA ILE A 410 26.64 -14.43 -26.97
C ILE A 410 27.21 -15.59 -27.76
N PRO A 411 27.65 -16.68 -27.09
CA PRO A 411 28.27 -17.91 -27.62
C PRO A 411 27.27 -19.05 -27.84
N GLN B 88 -27.52 -19.76 32.04
CA GLN B 88 -27.07 -18.50 31.45
C GLN B 88 -26.23 -18.77 30.19
N GLU B 89 -25.30 -19.72 30.28
CA GLU B 89 -24.76 -20.33 29.06
C GLU B 89 -25.89 -20.89 28.22
N ASP B 90 -26.96 -21.31 28.89
CA ASP B 90 -28.16 -21.79 28.21
C ASP B 90 -28.82 -20.67 27.40
N VAL B 91 -28.82 -19.44 27.93
CA VAL B 91 -29.41 -18.32 27.21
C VAL B 91 -28.52 -17.91 26.04
N LEU B 92 -27.20 -17.95 26.24
CA LEU B 92 -26.27 -17.70 25.15
C LEU B 92 -26.54 -18.63 23.98
N ALA B 93 -26.73 -19.92 24.27
CA ALA B 93 -27.00 -20.89 23.22
C ALA B 93 -28.27 -20.56 22.47
N LYS B 94 -29.26 -19.97 23.14
CA LYS B 94 -30.54 -19.70 22.50
C LYS B 94 -30.47 -18.49 21.58
N GLU B 95 -29.73 -17.45 21.96
CA GLU B 95 -29.57 -16.29 21.09
C GLU B 95 -28.76 -16.64 19.84
N LEU B 96 -27.79 -17.53 19.97
CA LEU B 96 -27.00 -17.95 18.81
C LEU B 96 -27.85 -18.69 17.78
N GLU B 97 -29.04 -19.15 18.16
CA GLU B 97 -29.93 -19.79 17.19
C GLU B 97 -30.38 -18.83 16.10
N ASP B 98 -30.14 -17.53 16.26
CA ASP B 98 -30.49 -16.54 15.25
C ASP B 98 -29.29 -16.15 14.39
N VAL B 99 -28.22 -16.94 14.43
CA VAL B 99 -26.98 -16.58 13.76
C VAL B 99 -27.16 -16.36 12.26
N ASN B 100 -28.25 -16.84 11.67
CA ASN B 100 -28.47 -16.64 10.23
C ASN B 100 -29.50 -15.56 9.93
N LYS B 101 -29.82 -14.72 10.91
CA LYS B 101 -30.84 -13.69 10.74
C LYS B 101 -30.23 -12.30 10.84
N TRP B 102 -30.62 -11.43 9.90
CA TRP B 102 -30.29 -10.02 10.00
C TRP B 102 -30.90 -9.44 11.25
N GLY B 103 -30.09 -8.79 12.06
CA GLY B 103 -30.58 -8.28 13.33
C GLY B 103 -30.38 -9.22 14.49
N LEU B 104 -29.41 -10.14 14.41
CA LEU B 104 -28.97 -10.91 15.55
C LEU B 104 -28.78 -10.00 16.77
N HIS B 105 -28.94 -10.56 17.97
CA HIS B 105 -28.86 -9.80 19.22
C HIS B 105 -27.43 -9.75 19.74
N VAL B 106 -26.59 -8.98 19.02
CA VAL B 106 -25.15 -9.12 19.21
C VAL B 106 -24.69 -8.51 20.54
N PHE B 107 -25.35 -7.46 21.03
CA PHE B 107 -24.93 -6.89 22.30
C PHE B 107 -25.28 -7.82 23.47
N ARG B 108 -26.44 -8.47 23.40
CA ARG B 108 -26.77 -9.49 24.39
C ARG B 108 -25.81 -10.65 24.29
N ILE B 109 -25.50 -11.09 23.07
CA ILE B 109 -24.53 -12.18 22.90
C ILE B 109 -23.19 -11.78 23.50
N ALA B 110 -22.80 -10.51 23.34
CA ALA B 110 -21.54 -10.05 23.94
C ALA B 110 -21.60 -10.11 25.47
N GLU B 111 -22.71 -9.67 26.06
CA GLU B 111 -22.84 -9.71 27.51
C GLU B 111 -22.86 -11.14 28.02
N LEU B 112 -23.63 -12.02 27.37
CA LEU B 112 -23.83 -13.38 27.85
C LEU B 112 -22.60 -14.26 27.65
N SER B 113 -21.71 -13.90 26.73
CA SER B 113 -20.53 -14.70 26.43
C SER B 113 -19.30 -14.27 27.21
N GLY B 114 -19.43 -13.30 28.12
CA GLY B 114 -18.27 -12.81 28.85
C GLY B 114 -17.38 -11.90 28.04
N ASN B 115 -17.97 -11.01 27.23
CA ASN B 115 -17.24 -10.17 26.29
C ASN B 115 -16.44 -11.01 25.29
N ARG B 116 -17.04 -12.11 24.84
CA ARG B 116 -16.44 -12.92 23.78
C ARG B 116 -17.37 -13.11 22.60
N PRO B 117 -18.06 -12.06 22.11
CA PRO B 117 -18.95 -12.27 20.96
C PRO B 117 -18.23 -12.65 19.68
N LEU B 118 -17.01 -12.15 19.46
CA LEU B 118 -16.30 -12.54 18.25
C LEU B 118 -15.99 -14.03 18.27
N THR B 119 -15.46 -14.52 19.39
CA THR B 119 -15.12 -15.93 19.49
C THR B 119 -16.36 -16.82 19.32
N VAL B 120 -17.44 -16.53 20.05
CA VAL B 120 -18.57 -17.44 20.00
C VAL B 120 -19.31 -17.33 18.66
N ILE B 121 -19.34 -16.14 18.05
CA ILE B 121 -20.07 -16.02 16.79
C ILE B 121 -19.27 -16.61 15.64
N MET B 122 -17.94 -16.44 15.65
CA MET B 122 -17.10 -17.10 14.66
C MET B 122 -17.15 -18.61 14.81
N HIS B 123 -17.02 -19.08 16.06
CA HIS B 123 -17.11 -20.51 16.34
C HIS B 123 -18.41 -21.09 15.82
N THR B 124 -19.52 -20.39 16.08
CA THR B 124 -20.84 -20.83 15.63
C THR B 124 -20.92 -20.84 14.11
N ILE B 125 -20.46 -19.77 13.46
CA ILE B 125 -20.56 -19.68 12.02
C ILE B 125 -19.72 -20.76 11.34
N PHE B 126 -18.57 -21.09 11.92
CA PHE B 126 -17.74 -22.15 11.37
C PHE B 126 -18.43 -23.50 11.48
N GLN B 127 -18.91 -23.83 12.69
CA GLN B 127 -19.71 -25.03 12.89
C GLN B 127 -20.90 -25.07 11.92
N GLU B 128 -21.67 -23.98 11.87
CA GLU B 128 -22.84 -23.93 11.00
C GLU B 128 -22.45 -24.15 9.53
N ARG B 129 -21.37 -23.52 9.07
CA ARG B 129 -20.94 -23.68 7.69
C ARG B 129 -20.05 -24.91 7.49
N ASP B 130 -19.67 -25.59 8.58
CA ASP B 130 -18.89 -26.82 8.56
C ASP B 130 -17.48 -26.61 8.01
N LEU B 131 -16.96 -25.38 8.13
CA LEU B 131 -15.61 -25.10 7.67
C LEU B 131 -14.56 -25.81 8.50
N LEU B 132 -14.90 -26.27 9.70
CA LEU B 132 -13.93 -26.95 10.54
C LEU B 132 -13.44 -28.23 9.89
N LYS B 133 -14.36 -29.00 9.31
CA LYS B 133 -13.97 -30.27 8.70
C LYS B 133 -13.72 -30.14 7.21
N THR B 134 -14.36 -29.17 6.55
CA THR B 134 -14.00 -28.87 5.17
C THR B 134 -12.51 -28.54 5.07
N PHE B 135 -11.98 -27.79 6.03
CA PHE B 135 -10.60 -27.31 5.97
C PHE B 135 -9.73 -27.89 7.08
N LYS B 136 -10.19 -28.94 7.75
CA LYS B 136 -9.42 -29.67 8.77
C LYS B 136 -8.77 -28.72 9.78
N ILE B 137 -9.61 -27.91 10.42
CA ILE B 137 -9.13 -27.00 11.45
C ILE B 137 -9.32 -27.68 12.81
N PRO B 138 -8.28 -27.87 13.61
CA PRO B 138 -8.49 -28.31 14.99
C PRO B 138 -9.35 -27.30 15.73
N VAL B 139 -10.41 -27.80 16.39
CA VAL B 139 -11.35 -26.89 17.05
C VAL B 139 -10.64 -26.08 18.13
N ASP B 140 -9.68 -26.70 18.84
CA ASP B 140 -8.95 -25.97 19.86
C ASP B 140 -8.09 -24.88 19.24
N THR B 141 -7.55 -25.13 18.06
CA THR B 141 -6.76 -24.11 17.38
C THR B 141 -7.64 -22.96 16.90
N LEU B 142 -8.83 -23.28 16.39
CA LEU B 142 -9.82 -22.24 16.11
C LEU B 142 -10.05 -21.36 17.33
N ILE B 143 -10.41 -21.98 18.46
CA ILE B 143 -10.76 -21.22 19.66
C ILE B 143 -9.56 -20.43 20.15
N THR B 144 -8.37 -21.04 20.14
CA THR B 144 -7.18 -20.33 20.59
C THR B 144 -6.95 -19.09 19.74
N TYR B 145 -7.07 -19.23 18.41
CA TYR B 145 -6.85 -18.08 17.54
C TYR B 145 -7.91 -17.03 17.75
N LEU B 146 -9.19 -17.44 17.73
CA LEU B 146 -10.30 -16.51 17.92
C LEU B 146 -10.14 -15.69 19.20
N MET B 147 -9.63 -16.31 20.27
CA MET B 147 -9.53 -15.59 21.53
C MET B 147 -8.36 -14.63 21.53
N THR B 148 -7.24 -15.03 20.91
CA THR B 148 -6.12 -14.12 20.73
C THR B 148 -6.52 -12.94 19.86
N LEU B 149 -7.24 -13.21 18.76
CA LEU B 149 -7.71 -12.14 17.88
C LEU B 149 -8.61 -11.17 18.64
N GLU B 150 -9.62 -11.71 19.33
CA GLU B 150 -10.53 -10.86 20.10
C GLU B 150 -9.77 -10.05 21.16
N ASP B 151 -8.76 -10.65 21.79
CA ASP B 151 -7.95 -9.91 22.76
C ASP B 151 -7.25 -8.70 22.15
N HIS B 152 -7.04 -8.68 20.85
CA HIS B 152 -6.36 -7.57 20.22
C HIS B 152 -7.31 -6.50 19.71
N TYR B 153 -8.62 -6.71 19.84
CA TYR B 153 -9.55 -5.59 19.77
C TYR B 153 -9.56 -4.87 21.11
N HIS B 154 -9.53 -3.55 21.07
CA HIS B 154 -9.38 -2.74 22.28
C HIS B 154 -10.69 -2.66 23.05
N ALA B 155 -10.63 -2.97 24.35
CA ALA B 155 -11.82 -2.90 25.19
C ALA B 155 -12.30 -1.47 25.37
N ASP B 156 -11.38 -0.50 25.45
CA ASP B 156 -11.74 0.88 25.74
C ASP B 156 -12.01 1.71 24.48
N VAL B 157 -12.26 1.08 23.34
CA VAL B 157 -12.67 1.78 22.13
C VAL B 157 -14.18 1.55 21.96
N ALA B 158 -14.95 2.64 21.84
CA ALA B 158 -16.41 2.52 21.95
C ALA B 158 -17.05 1.80 20.77
N TYR B 159 -16.58 2.05 19.55
CA TYR B 159 -17.19 1.44 18.38
C TYR B 159 -16.31 0.35 17.76
N HIS B 160 -15.06 0.67 17.41
CA HIS B 160 -14.20 -0.27 16.68
C HIS B 160 -13.56 -1.25 17.65
N ASN B 161 -14.40 -2.15 18.16
CA ASN B 161 -13.98 -3.15 19.13
C ASN B 161 -14.49 -4.53 18.69
N ASN B 162 -14.42 -5.52 19.57
CA ASN B 162 -14.78 -6.89 19.20
C ASN B 162 -16.27 -7.05 18.90
N ILE B 163 -17.14 -6.19 19.45
CA ILE B 163 -18.55 -6.33 19.14
C ILE B 163 -18.80 -5.94 17.69
N HIS B 164 -18.14 -4.87 17.23
CA HIS B 164 -18.24 -4.49 15.83
C HIS B 164 -17.69 -5.58 14.92
N ALA B 165 -16.57 -6.18 15.30
CA ALA B 165 -16.03 -7.30 14.52
C ALA B 165 -17.05 -8.44 14.44
N ALA B 166 -17.54 -8.90 15.59
CA ALA B 166 -18.53 -9.99 15.58
C ALA B 166 -19.74 -9.63 14.72
N ASP B 167 -20.15 -8.36 14.75
CA ASP B 167 -21.30 -7.91 13.98
C ASP B 167 -21.02 -7.94 12.47
N VAL B 168 -19.82 -7.55 12.07
CA VAL B 168 -19.51 -7.59 10.64
C VAL B 168 -19.37 -9.06 10.18
N VAL B 169 -18.79 -9.90 11.03
CA VAL B 169 -18.69 -11.34 10.74
C VAL B 169 -20.07 -11.94 10.50
N GLN B 170 -20.97 -11.78 11.48
CA GLN B 170 -22.30 -12.35 11.34
C GLN B 170 -23.07 -11.73 10.18
N SER B 171 -22.80 -10.45 9.89
CA SER B 171 -23.50 -9.80 8.78
C SER B 171 -23.02 -10.31 7.42
N THR B 172 -21.70 -10.46 7.25
CA THR B 172 -21.17 -11.08 6.03
C THR B 172 -21.72 -12.48 5.86
N HIS B 173 -21.74 -13.25 6.95
CA HIS B 173 -22.27 -14.61 6.93
C HIS B 173 -23.68 -14.66 6.37
N VAL B 174 -24.52 -13.67 6.72
CA VAL B 174 -25.88 -13.64 6.20
C VAL B 174 -25.89 -13.31 4.71
N LEU B 175 -25.17 -12.24 4.33
CA LEU B 175 -25.14 -11.84 2.92
C LEU B 175 -24.53 -12.91 2.04
N LEU B 176 -23.74 -13.82 2.59
CA LEU B 176 -23.20 -14.91 1.79
C LEU B 176 -24.27 -15.95 1.46
N SER B 177 -25.37 -15.96 2.21
CA SER B 177 -26.42 -16.96 2.07
C SER B 177 -27.60 -16.46 1.25
N THR B 178 -27.51 -15.26 0.68
CA THR B 178 -28.58 -14.78 -0.18
C THR B 178 -28.77 -15.73 -1.36
N PRO B 179 -30.01 -16.18 -1.62
CA PRO B 179 -30.26 -17.04 -2.81
C PRO B 179 -29.63 -16.54 -4.09
N ALA B 180 -29.68 -15.23 -4.36
CA ALA B 180 -29.12 -14.68 -5.58
C ALA B 180 -27.61 -14.88 -5.71
N LEU B 181 -26.98 -15.55 -4.74
CA LEU B 181 -25.55 -15.84 -4.78
C LEU B 181 -25.25 -17.26 -4.30
N GLU B 182 -26.24 -18.15 -4.29
CA GLU B 182 -26.09 -19.43 -3.59
C GLU B 182 -25.00 -20.28 -4.24
N ALA B 183 -24.12 -20.83 -3.40
CA ALA B 183 -23.00 -21.67 -3.84
C ALA B 183 -22.23 -21.06 -5.02
N VAL B 184 -22.28 -19.73 -5.16
CA VAL B 184 -21.54 -19.02 -6.19
C VAL B 184 -20.09 -18.81 -5.81
N PHE B 185 -19.81 -18.83 -4.52
CA PHE B 185 -18.46 -18.68 -3.99
C PHE B 185 -17.99 -20.03 -3.46
N THR B 186 -16.71 -20.33 -3.73
CA THR B 186 -16.11 -21.55 -3.24
C THR B 186 -16.06 -21.54 -1.72
N ASP B 187 -15.77 -22.70 -1.14
CA ASP B 187 -15.60 -22.78 0.31
C ASP B 187 -14.39 -22.00 0.79
N LEU B 188 -13.46 -21.66 -0.09
CA LEU B 188 -12.31 -20.85 0.25
C LEU B 188 -12.60 -19.37 0.12
N GLU B 189 -13.36 -18.99 -0.92
CA GLU B 189 -13.87 -17.63 -1.02
C GLU B 189 -14.79 -17.31 0.16
N ILE B 190 -15.52 -18.31 0.66
CA ILE B 190 -16.36 -18.10 1.83
C ILE B 190 -15.51 -17.96 3.09
N LEU B 191 -14.52 -18.84 3.26
CA LEU B 191 -13.59 -18.71 4.38
C LEU B 191 -12.89 -17.36 4.36
N ALA B 192 -12.54 -16.86 3.16
CA ALA B 192 -11.79 -15.62 3.07
C ALA B 192 -12.62 -14.43 3.54
N ALA B 193 -13.86 -14.32 3.06
CA ALA B 193 -14.70 -13.19 3.44
C ALA B 193 -15.04 -13.18 4.92
N ILE B 194 -15.16 -14.37 5.52
CA ILE B 194 -15.51 -14.47 6.94
C ILE B 194 -14.29 -14.21 7.81
N PHE B 195 -13.15 -14.78 7.43
CA PHE B 195 -11.92 -14.46 8.16
C PHE B 195 -11.59 -12.99 8.03
N ALA B 196 -11.74 -12.43 6.83
CA ALA B 196 -11.45 -11.01 6.64
C ALA B 196 -12.36 -10.14 7.49
N SER B 197 -13.65 -10.50 7.55
CA SER B 197 -14.59 -9.76 8.38
C SER B 197 -14.14 -9.75 9.84
N ALA B 198 -13.62 -10.89 10.32
CA ALA B 198 -13.26 -11.03 11.71
C ALA B 198 -12.04 -10.19 12.08
N ILE B 199 -11.06 -10.07 11.18
CA ILE B 199 -9.84 -9.34 11.46
C ILE B 199 -9.88 -7.89 10.96
N HIS B 200 -10.95 -7.46 10.30
CA HIS B 200 -10.86 -6.26 9.46
C HIS B 200 -10.63 -4.97 10.23
N ASP B 201 -10.84 -4.94 11.55
CA ASP B 201 -10.54 -3.74 12.33
C ASP B 201 -9.66 -4.04 13.54
N VAL B 202 -8.91 -5.15 13.53
CA VAL B 202 -8.25 -5.58 14.75
C VAL B 202 -7.18 -4.59 15.16
N ASP B 203 -7.05 -4.36 16.47
CA ASP B 203 -6.09 -3.41 17.04
C ASP B 203 -6.40 -1.97 16.63
N HIS B 204 -7.67 -1.67 16.35
CA HIS B 204 -8.05 -0.30 16.00
C HIS B 204 -7.84 0.60 17.21
N PRO B 205 -7.11 1.72 17.08
CA PRO B 205 -6.92 2.63 18.22
C PRO B 205 -8.06 3.59 18.46
N GLY B 206 -9.09 3.60 17.61
CA GLY B 206 -10.22 4.49 17.82
C GLY B 206 -10.04 5.89 17.28
N VAL B 207 -9.07 6.09 16.39
CA VAL B 207 -8.92 7.35 15.65
C VAL B 207 -8.82 7.01 14.17
N SER B 208 -9.14 8.00 13.33
CA SER B 208 -9.23 7.79 11.89
C SER B 208 -7.84 7.76 11.24
N ASN B 209 -7.80 7.29 9.98
CA ASN B 209 -6.58 7.37 9.19
C ASN B 209 -6.08 8.80 9.10
N GLN B 210 -6.99 9.74 8.86
CA GLN B 210 -6.59 11.15 8.75
C GLN B 210 -5.98 11.67 10.05
N PHE B 211 -6.56 11.31 11.20
CA PHE B 211 -5.93 11.68 12.47
C PHE B 211 -4.53 11.11 12.57
N LEU B 212 -4.36 9.83 12.20
CA LEU B 212 -3.05 9.20 12.30
C LEU B 212 -2.03 9.90 11.42
N ILE B 213 -2.43 10.30 10.22
CA ILE B 213 -1.54 11.03 9.33
C ILE B 213 -1.18 12.39 9.94
N ASN B 214 -2.18 13.14 10.41
CA ASN B 214 -1.93 14.51 10.87
C ASN B 214 -1.08 14.56 12.13
N THR B 215 -1.09 13.52 12.94
CA THR B 215 -0.30 13.52 14.16
C THR B 215 1.06 12.86 13.96
N ASN B 216 1.46 12.59 12.72
CA ASN B 216 2.74 11.96 12.40
C ASN B 216 2.93 10.69 13.23
N SER B 217 1.89 9.85 13.24
CA SER B 217 1.86 8.64 14.02
C SER B 217 2.86 7.62 13.48
N GLU B 218 3.24 6.67 14.35
CA GLU B 218 4.07 5.55 13.92
C GLU B 218 3.38 4.75 12.83
N LEU B 219 2.06 4.57 12.94
CA LEU B 219 1.31 3.82 11.95
C LEU B 219 1.38 4.44 10.56
N ALA B 220 1.17 5.76 10.50
CA ALA B 220 1.19 6.41 9.19
C ALA B 220 2.60 6.46 8.62
N LEU B 221 3.60 6.59 9.48
CA LEU B 221 4.99 6.51 9.05
C LEU B 221 5.30 5.15 8.47
N MET B 222 4.80 4.08 9.12
CA MET B 222 5.00 2.73 8.63
C MET B 222 4.35 2.53 7.26
N TYR B 223 3.12 3.02 7.08
CA TYR B 223 2.33 2.70 5.90
C TYR B 223 2.22 3.84 4.90
N ASN B 224 3.04 4.88 5.05
CA ASN B 224 3.14 5.91 4.02
C ASN B 224 1.78 6.51 3.69
N ASP B 225 0.99 6.75 4.73
CA ASP B 225 -0.28 7.49 4.68
C ASP B 225 -1.37 6.80 3.85
N SER B 226 -1.16 5.58 3.36
CA SER B 226 -2.09 4.91 2.44
C SER B 226 -2.78 3.76 3.16
N SER B 227 -4.10 3.83 3.33
CA SER B 227 -4.89 2.80 4.02
C SER B 227 -4.17 2.35 5.31
N VAL B 228 -3.79 3.34 6.11
CA VAL B 228 -2.90 3.11 7.24
C VAL B 228 -3.48 2.06 8.18
N LEU B 229 -4.74 2.24 8.59
CA LEU B 229 -5.36 1.32 9.54
C LEU B 229 -5.59 -0.04 8.92
N GLU B 230 -6.08 -0.06 7.69
CA GLU B 230 -6.48 -1.30 7.04
C GLU B 230 -5.28 -2.19 6.78
N ASN B 231 -4.13 -1.61 6.43
CA ASN B 231 -2.92 -2.39 6.32
C ASN B 231 -2.54 -2.99 7.66
N HIS B 232 -2.73 -2.22 8.74
CA HIS B 232 -2.34 -2.68 10.07
C HIS B 232 -3.26 -3.81 10.55
N HIS B 233 -4.58 -3.67 10.33
CA HIS B 233 -5.52 -4.73 10.70
C HIS B 233 -5.12 -6.06 10.04
N LEU B 234 -4.77 -6.00 8.75
CA LEU B 234 -4.32 -7.20 8.03
C LEU B 234 -3.06 -7.79 8.66
N ALA B 235 -2.03 -6.94 8.81
CA ALA B 235 -0.75 -7.39 9.36
C ALA B 235 -0.92 -8.05 10.73
N VAL B 236 -1.72 -7.47 11.61
CA VAL B 236 -1.96 -8.05 12.93
C VAL B 236 -2.77 -9.33 12.82
N GLY B 237 -3.84 -9.30 12.01
CA GLY B 237 -4.67 -10.48 11.85
C GLY B 237 -3.91 -11.69 11.33
N PHE B 238 -3.00 -11.46 10.37
CA PHE B 238 -2.18 -12.57 9.87
C PHE B 238 -1.08 -12.94 10.86
N LYS B 239 -0.46 -11.94 11.49
CA LYS B 239 0.63 -12.22 12.43
C LYS B 239 0.18 -13.09 13.60
N LEU B 240 -1.03 -12.88 14.12
CA LEU B 240 -1.50 -13.68 15.24
C LEU B 240 -1.67 -15.16 14.88
N LEU B 241 -1.73 -15.51 13.60
CA LEU B 241 -1.76 -16.91 13.19
C LEU B 241 -0.50 -17.65 13.59
N GLN B 242 0.60 -16.93 13.76
CA GLN B 242 1.88 -17.54 14.11
C GLN B 242 2.04 -17.74 15.61
N GLU B 243 1.06 -17.36 16.42
CA GLU B 243 1.15 -17.62 17.85
C GLU B 243 0.91 -19.11 18.11
N GLU B 244 1.33 -19.57 19.29
CA GLU B 244 1.31 -20.98 19.63
C GLU B 244 -0.10 -21.58 19.50
N ASN B 245 -0.23 -22.59 18.64
CA ASN B 245 -1.50 -23.28 18.36
C ASN B 245 -2.57 -22.31 17.83
N CYS B 246 -2.17 -21.35 16.99
CA CYS B 246 -3.15 -20.44 16.42
C CYS B 246 -3.32 -20.57 14.91
N ASP B 247 -2.53 -21.39 14.24
CA ASP B 247 -2.58 -21.45 12.77
C ASP B 247 -3.78 -22.27 12.33
N ILE B 248 -4.93 -21.59 12.21
CA ILE B 248 -6.14 -22.25 11.77
C ILE B 248 -6.10 -22.65 10.30
N PHE B 249 -5.04 -22.29 9.57
CA PHE B 249 -4.92 -22.66 8.17
C PHE B 249 -3.82 -23.69 7.94
N GLN B 250 -3.45 -24.42 9.01
CA GLN B 250 -2.28 -25.30 8.94
C GLN B 250 -2.49 -26.46 7.98
N ASN B 251 -3.74 -26.86 7.75
CA ASN B 251 -4.07 -27.98 6.87
C ASN B 251 -4.67 -27.52 5.55
N LEU B 252 -4.45 -26.26 5.16
CA LEU B 252 -4.68 -25.84 3.80
C LEU B 252 -3.42 -26.12 3.00
N THR B 253 -3.61 -26.47 1.72
CA THR B 253 -2.45 -26.56 0.85
C THR B 253 -1.81 -25.18 0.70
N LYS B 254 -0.54 -25.17 0.30
CA LYS B 254 0.18 -23.90 0.19
C LYS B 254 -0.45 -22.99 -0.86
N LYS B 255 -1.08 -23.56 -1.89
CA LYS B 255 -1.75 -22.73 -2.88
C LYS B 255 -3.06 -22.16 -2.35
N GLN B 256 -3.80 -22.95 -1.57
CA GLN B 256 -4.98 -22.42 -0.89
C GLN B 256 -4.59 -21.28 0.05
N ARG B 257 -3.53 -21.47 0.83
CA ARG B 257 -3.05 -20.43 1.74
C ARG B 257 -2.73 -19.14 0.98
N GLN B 258 -2.00 -19.25 -0.14
CA GLN B 258 -1.67 -18.03 -0.88
C GLN B 258 -2.90 -17.43 -1.55
N SER B 259 -3.86 -18.25 -1.97
CA SER B 259 -5.08 -17.69 -2.56
C SER B 259 -5.93 -17.02 -1.49
N LEU B 260 -6.10 -17.67 -0.35
CA LEU B 260 -6.84 -17.06 0.76
C LEU B 260 -6.19 -15.76 1.20
N ARG B 261 -4.86 -15.74 1.34
CA ARG B 261 -4.16 -14.53 1.79
C ARG B 261 -4.47 -13.35 0.88
N LYS B 262 -4.30 -13.53 -0.43
CA LYS B 262 -4.55 -12.46 -1.39
C LYS B 262 -6.00 -11.94 -1.30
N MET B 263 -6.96 -12.87 -1.21
CA MET B 263 -8.37 -12.48 -1.13
C MET B 263 -8.67 -11.70 0.14
N VAL B 264 -8.08 -12.10 1.27
CA VAL B 264 -8.33 -11.38 2.52
C VAL B 264 -7.73 -9.98 2.45
N ILE B 265 -6.50 -9.88 1.92
CA ILE B 265 -5.87 -8.57 1.75
C ILE B 265 -6.72 -7.68 0.85
N ASP B 266 -7.13 -8.21 -0.30
CA ASP B 266 -7.97 -7.44 -1.23
C ASP B 266 -9.27 -6.98 -0.56
N ILE B 267 -9.89 -7.83 0.25
CA ILE B 267 -11.15 -7.48 0.89
C ILE B 267 -10.94 -6.42 1.96
N VAL B 268 -10.00 -6.66 2.89
CA VAL B 268 -9.83 -5.72 3.99
C VAL B 268 -9.35 -4.36 3.50
N LEU B 269 -8.42 -4.32 2.52
CA LEU B 269 -7.99 -3.02 2.03
C LEU B 269 -9.17 -2.25 1.45
N ALA B 270 -10.20 -2.95 0.97
CA ALA B 270 -11.38 -2.32 0.40
C ALA B 270 -12.33 -1.75 1.45
N THR B 271 -12.11 -1.99 2.75
CA THR B 271 -12.96 -1.36 3.76
C THR B 271 -12.57 0.08 4.02
N ASP B 272 -11.43 0.53 3.49
CA ASP B 272 -10.99 1.92 3.61
C ASP B 272 -12.03 2.84 2.96
N MET B 273 -12.59 3.77 3.76
CA MET B 273 -13.70 4.57 3.27
C MET B 273 -13.29 5.51 2.14
N SER B 274 -12.02 5.85 2.02
CA SER B 274 -11.58 6.68 0.90
C SER B 274 -11.69 5.94 -0.42
N LYS B 275 -11.91 4.62 -0.40
CA LYS B 275 -12.13 3.84 -1.60
C LYS B 275 -13.61 3.53 -1.85
N HIS B 276 -14.52 4.11 -1.06
CA HIS B 276 -15.94 3.80 -1.19
C HIS B 276 -16.47 4.11 -2.58
N MET B 277 -16.22 5.33 -3.08
CA MET B 277 -16.80 5.78 -4.35
C MET B 277 -16.36 4.92 -5.53
N ASN B 278 -15.06 4.62 -5.63
CA ASN B 278 -14.60 3.73 -6.70
C ASN B 278 -15.24 2.36 -6.56
N LEU B 279 -15.33 1.87 -5.34
CA LEU B 279 -15.90 0.56 -5.09
C LEU B 279 -17.36 0.51 -5.50
N LEU B 280 -18.11 1.59 -5.22
CA LEU B 280 -19.51 1.64 -5.60
C LEU B 280 -19.69 1.81 -7.11
N ALA B 281 -18.88 2.67 -7.72
CA ALA B 281 -18.87 2.78 -9.18
C ALA B 281 -18.65 1.41 -9.82
N ASP B 282 -17.71 0.63 -9.30
CA ASP B 282 -17.50 -0.72 -9.82
C ASP B 282 -18.72 -1.59 -9.60
N LEU B 283 -19.36 -1.47 -8.43
CA LEU B 283 -20.54 -2.29 -8.20
C LEU B 283 -21.69 -1.89 -9.12
N LYS B 284 -21.82 -0.59 -9.41
CA LYS B 284 -22.86 -0.13 -10.34
C LYS B 284 -22.63 -0.69 -11.74
N THR B 285 -21.43 -0.49 -12.28
CA THR B 285 -21.08 -1.08 -13.57
C THR B 285 -21.47 -2.56 -13.63
N MET B 286 -21.16 -3.30 -12.57
CA MET B 286 -21.48 -4.73 -12.54
C MET B 286 -22.98 -4.97 -12.54
N VAL B 287 -23.76 -4.06 -11.97
CA VAL B 287 -25.21 -4.24 -11.96
C VAL B 287 -25.80 -4.02 -13.35
N GLU B 288 -25.34 -2.99 -14.07
CA GLU B 288 -25.97 -2.70 -15.36
C GLU B 288 -25.61 -3.76 -16.41
N THR B 289 -24.42 -4.35 -16.34
CA THR B 289 -24.02 -5.42 -17.24
C THR B 289 -24.21 -6.80 -16.60
N LYS B 290 -25.05 -6.87 -15.57
CA LYS B 290 -25.26 -8.10 -14.81
C LYS B 290 -25.83 -9.21 -15.67
N LYS B 291 -25.54 -10.45 -15.30
CA LYS B 291 -26.07 -11.65 -15.95
C LYS B 291 -26.44 -12.68 -14.91
N VAL B 292 -27.58 -13.33 -15.11
CA VAL B 292 -28.20 -14.17 -14.09
C VAL B 292 -28.77 -15.41 -14.76
N THR B 293 -28.68 -16.56 -14.08
CA THR B 293 -29.53 -17.68 -14.46
C THR B 293 -30.95 -17.21 -14.20
N SER B 294 -31.64 -16.75 -15.24
CA SER B 294 -32.97 -16.12 -15.16
C SER B 294 -33.82 -16.65 -14.00
N SER B 295 -33.63 -17.93 -13.66
CA SER B 295 -34.18 -18.54 -12.46
C SER B 295 -33.72 -17.89 -11.16
N GLY B 296 -32.83 -16.90 -11.23
CA GLY B 296 -32.46 -16.15 -10.04
C GLY B 296 -30.99 -15.94 -9.72
N VAL B 297 -30.15 -16.98 -9.85
CA VAL B 297 -28.80 -16.95 -9.30
C VAL B 297 -27.85 -16.20 -10.23
N LEU B 298 -26.89 -15.49 -9.63
CA LEU B 298 -26.01 -14.56 -10.33
C LEU B 298 -24.83 -15.30 -10.97
N LEU B 299 -24.40 -14.80 -12.14
CA LEU B 299 -23.35 -15.45 -12.92
C LEU B 299 -22.11 -14.57 -12.96
N LEU B 300 -21.09 -14.96 -12.20
CA LEU B 300 -19.81 -14.26 -12.17
C LEU B 300 -18.73 -15.19 -12.68
N ASP B 301 -17.98 -14.77 -13.70
CA ASP B 301 -17.08 -15.70 -14.35
C ASP B 301 -15.62 -15.51 -13.97
N ASN B 302 -15.12 -14.27 -13.86
CA ASN B 302 -13.71 -14.05 -13.63
C ASN B 302 -13.47 -13.52 -12.21
N TYR B 303 -12.27 -13.81 -11.69
CA TYR B 303 -11.93 -13.42 -10.33
C TYR B 303 -12.19 -11.93 -10.09
N SER B 304 -11.88 -11.09 -11.09
CA SER B 304 -11.98 -9.65 -10.89
C SER B 304 -13.36 -9.22 -10.42
N ASP B 305 -14.41 -9.78 -11.01
CA ASP B 305 -15.76 -9.45 -10.59
C ASP B 305 -16.13 -10.12 -9.27
N ARG B 306 -15.69 -11.37 -9.06
CA ARG B 306 -16.04 -12.07 -7.83
C ARG B 306 -15.37 -11.46 -6.60
N ILE B 307 -14.16 -10.91 -6.75
CA ILE B 307 -13.53 -10.24 -5.61
C ILE B 307 -14.20 -8.89 -5.39
N GLN B 308 -14.65 -8.22 -6.47
CA GLN B 308 -15.40 -6.98 -6.33
C GLN B 308 -16.68 -7.21 -5.52
N VAL B 309 -17.35 -8.35 -5.73
CA VAL B 309 -18.58 -8.60 -4.99
C VAL B 309 -18.28 -8.92 -3.53
N LEU B 310 -17.18 -9.62 -3.27
CA LEU B 310 -16.81 -9.88 -1.88
C LEU B 310 -16.32 -8.61 -1.19
N GLN B 311 -15.65 -7.73 -1.94
CA GLN B 311 -15.24 -6.45 -1.38
C GLN B 311 -16.46 -5.61 -1.03
N ASN B 312 -17.40 -5.50 -1.96
CA ASN B 312 -18.61 -4.72 -1.68
C ASN B 312 -19.48 -5.38 -0.62
N MET B 313 -19.43 -6.72 -0.51
CA MET B 313 -20.20 -7.43 0.48
C MET B 313 -19.71 -7.12 1.89
N VAL B 314 -18.39 -7.21 2.12
CA VAL B 314 -17.87 -6.92 3.45
C VAL B 314 -17.96 -5.44 3.73
N HIS B 315 -17.79 -4.60 2.70
CA HIS B 315 -18.08 -3.17 2.81
C HIS B 315 -19.53 -2.91 3.24
N CYS B 316 -20.50 -3.58 2.59
CA CYS B 316 -21.90 -3.45 3.00
C CYS B 316 -22.08 -3.88 4.46
N ALA B 317 -21.47 -5.02 4.81
CA ALA B 317 -21.53 -5.49 6.19
C ALA B 317 -20.90 -4.48 7.15
N ASP B 318 -19.76 -3.89 6.78
CA ASP B 318 -19.14 -2.84 7.58
C ASP B 318 -20.10 -1.66 7.74
N LEU B 319 -20.90 -1.38 6.71
CA LEU B 319 -21.83 -0.26 6.73
C LEU B 319 -23.27 -0.72 6.96
N SER B 320 -23.48 -1.76 7.78
CA SER B 320 -24.80 -2.34 7.92
C SER B 320 -25.57 -1.82 9.12
N ASN B 321 -24.95 -1.05 10.02
CA ASN B 321 -25.67 -0.58 11.21
C ASN B 321 -27.00 0.10 10.88
N PRO B 322 -27.07 1.06 9.95
CA PRO B 322 -28.36 1.72 9.69
C PRO B 322 -29.42 0.81 9.08
N THR B 323 -29.07 -0.42 8.69
CA THR B 323 -30.03 -1.37 8.16
C THR B 323 -30.51 -2.37 9.19
N LYS B 324 -30.00 -2.30 10.42
CA LYS B 324 -30.41 -3.22 11.47
C LYS B 324 -31.65 -2.67 12.16
N PRO B 325 -32.34 -3.50 12.95
CA PRO B 325 -33.45 -2.97 13.76
C PRO B 325 -33.01 -1.76 14.58
N LEU B 326 -33.93 -0.80 14.72
CA LEU B 326 -33.57 0.53 15.20
C LEU B 326 -32.88 0.49 16.55
N GLN B 327 -33.34 -0.39 17.45
CA GLN B 327 -32.74 -0.45 18.78
C GLN B 327 -31.27 -0.87 18.71
N LEU B 328 -30.90 -1.68 17.72
CA LEU B 328 -29.49 -1.96 17.47
C LEU B 328 -28.78 -0.76 16.86
N TYR B 329 -29.35 -0.21 15.79
CA TYR B 329 -28.77 0.93 15.09
C TYR B 329 -28.48 2.09 16.05
N ARG B 330 -29.44 2.41 16.91
CA ARG B 330 -29.25 3.50 17.86
C ARG B 330 -28.08 3.24 18.78
N GLN B 331 -27.87 1.99 19.20
CA GLN B 331 -26.70 1.67 19.99
C GLN B 331 -25.40 1.86 19.21
N TRP B 332 -25.39 1.46 17.93
CA TRP B 332 -24.20 1.71 17.11
C TRP B 332 -23.91 3.21 17.01
N THR B 333 -24.97 4.01 16.83
CA THR B 333 -24.79 5.46 16.73
C THR B 333 -24.19 6.03 18.00
N ASP B 334 -24.72 5.62 19.17
CA ASP B 334 -24.14 6.08 20.43
C ASP B 334 -22.64 5.80 20.47
N ARG B 335 -22.26 4.58 20.13
CA ARG B 335 -20.85 4.21 20.25
C ARG B 335 -19.98 4.96 19.24
N ILE B 336 -20.41 5.07 17.98
CA ILE B 336 -19.54 5.75 17.02
C ILE B 336 -19.38 7.23 17.41
N MET B 337 -20.44 7.84 17.96
CA MET B 337 -20.33 9.24 18.37
C MET B 337 -19.43 9.38 19.59
N GLU B 338 -19.51 8.44 20.52
CA GLU B 338 -18.60 8.45 21.66
C GLU B 338 -17.15 8.32 21.20
N GLU B 339 -16.89 7.44 20.22
CA GLU B 339 -15.54 7.28 19.69
C GLU B 339 -15.07 8.52 18.94
N PHE B 340 -15.93 9.08 18.07
CA PHE B 340 -15.59 10.32 17.38
C PHE B 340 -15.33 11.45 18.36
N PHE B 341 -16.19 11.61 19.37
CA PHE B 341 -16.05 12.69 20.34
C PHE B 341 -14.73 12.60 21.10
N ARG B 342 -14.32 11.39 21.50
CA ARG B 342 -13.00 11.23 22.11
C ARG B 342 -11.89 11.62 21.15
N GLN B 343 -12.06 11.38 19.83
CA GLN B 343 -11.03 11.84 18.89
C GLN B 343 -11.00 13.36 18.82
N GLY B 344 -12.17 13.99 18.80
CA GLY B 344 -12.21 15.45 18.83
C GLY B 344 -11.63 16.03 20.10
N ASP B 345 -11.79 15.32 21.23
CA ASP B 345 -11.13 15.75 22.47
C ASP B 345 -9.61 15.69 22.34
N ARG B 346 -9.08 14.66 21.65
CA ARG B 346 -7.65 14.61 21.40
C ARG B 346 -7.23 15.68 20.41
N GLU B 347 -8.04 15.94 19.39
CA GLU B 347 -7.68 17.02 18.49
C GLU B 347 -7.74 18.37 19.20
N ARG B 348 -8.66 18.51 20.17
CA ARG B 348 -8.78 19.78 20.88
C ARG B 348 -7.62 20.02 21.85
N GLU B 349 -7.24 19.02 22.66
CA GLU B 349 -6.09 19.17 23.54
C GLU B 349 -4.84 19.57 22.75
N ARG B 350 -4.72 19.07 21.53
CA ARG B 350 -3.57 19.31 20.67
C ARG B 350 -3.68 20.59 19.87
N GLY B 351 -4.76 21.35 20.01
CA GLY B 351 -4.96 22.49 19.15
C GLY B 351 -5.15 22.16 17.68
N MET B 352 -5.30 20.88 17.35
CA MET B 352 -5.63 20.50 15.99
C MET B 352 -7.05 20.94 15.63
N GLU B 353 -7.27 21.13 14.33
CA GLU B 353 -8.63 21.26 13.83
C GLU B 353 -9.43 20.03 14.21
N ILE B 354 -10.72 20.21 14.47
CA ILE B 354 -11.58 19.10 14.90
C ILE B 354 -12.26 18.51 13.68
N SER B 355 -12.14 17.18 13.54
CA SER B 355 -12.68 16.49 12.37
C SER B 355 -14.21 16.54 12.36
N PRO B 356 -14.82 16.40 11.18
CA PRO B 356 -16.28 16.30 11.12
C PRO B 356 -16.81 15.31 12.14
N MET B 357 -17.91 15.67 12.81
CA MET B 357 -18.67 14.83 13.72
C MET B 357 -17.92 14.50 15.00
N CYS B 358 -16.73 15.06 15.21
CA CYS B 358 -15.95 14.81 16.42
C CYS B 358 -16.03 15.94 17.44
N ASP B 359 -16.78 17.01 17.17
CA ASP B 359 -16.88 18.16 18.08
C ASP B 359 -18.13 18.02 18.95
N LYS B 360 -17.96 17.49 20.16
CA LYS B 360 -19.09 17.27 21.07
C LYS B 360 -19.78 18.56 21.49
N HIS B 361 -19.26 19.73 21.15
CA HIS B 361 -19.89 21.02 21.44
C HIS B 361 -20.55 21.63 20.21
N ASN B 362 -20.44 21.00 19.04
CA ASN B 362 -21.07 21.49 17.82
C ASN B 362 -21.64 20.32 17.01
N ALA B 363 -22.10 19.29 17.67
CA ALA B 363 -22.52 18.09 16.97
C ALA B 363 -24.00 18.16 16.60
N SER B 364 -24.38 17.33 15.63
CA SER B 364 -25.78 17.17 15.23
C SER B 364 -25.92 15.68 14.87
N VAL B 365 -26.13 14.86 15.90
CA VAL B 365 -26.02 13.41 15.76
C VAL B 365 -27.01 12.89 14.73
N GLU B 366 -28.24 13.39 14.77
CA GLU B 366 -29.31 12.86 13.92
C GLU B 366 -29.13 13.32 12.48
N LYS B 367 -28.89 14.61 12.27
CA LYS B 367 -28.65 15.09 10.92
C LYS B 367 -27.49 14.34 10.28
N SER B 368 -26.45 14.03 11.06
CA SER B 368 -25.29 13.32 10.51
C SER B 368 -25.69 11.93 10.04
N GLN B 369 -26.52 11.23 10.81
CA GLN B 369 -26.96 9.89 10.41
C GLN B 369 -27.78 9.95 9.12
N VAL B 370 -28.78 10.84 9.08
CA VAL B 370 -29.55 11.06 7.86
C VAL B 370 -28.62 11.39 6.70
N GLY B 371 -27.66 12.30 6.93
CA GLY B 371 -26.71 12.63 5.89
C GLY B 371 -25.89 11.45 5.43
N PHE B 372 -25.38 10.66 6.39
CA PHE B 372 -24.54 9.51 6.03
C PHE B 372 -25.35 8.46 5.28
N ILE B 373 -26.61 8.28 5.68
CA ILE B 373 -27.51 7.37 4.94
C ILE B 373 -27.72 7.88 3.51
N ASP B 374 -28.09 9.17 3.38
CA ASP B 374 -28.47 9.71 2.09
C ASP B 374 -27.34 9.60 1.08
N TYR B 375 -26.11 9.96 1.50
CA TYR B 375 -24.98 10.09 0.59
C TYR B 375 -24.11 8.83 0.49
N ILE B 376 -24.08 7.99 1.53
CA ILE B 376 -23.20 6.81 1.52
C ILE B 376 -23.97 5.51 1.61
N VAL B 377 -24.76 5.35 2.68
CA VAL B 377 -25.27 4.02 3.03
C VAL B 377 -26.41 3.59 2.12
N HIS B 378 -27.28 4.52 1.75
CA HIS B 378 -28.38 4.10 0.91
C HIS B 378 -27.93 3.91 -0.54
N PRO B 379 -27.10 4.79 -1.13
CA PRO B 379 -26.60 4.48 -2.48
C PRO B 379 -25.92 3.13 -2.55
N LEU B 380 -25.13 2.77 -1.53
CA LEU B 380 -24.48 1.47 -1.51
C LEU B 380 -25.50 0.33 -1.43
N TRP B 381 -26.39 0.37 -0.43
CA TRP B 381 -27.33 -0.73 -0.24
C TRP B 381 -28.40 -0.79 -1.32
N GLU B 382 -28.69 0.32 -2.00
CA GLU B 382 -29.60 0.25 -3.13
C GLU B 382 -28.96 -0.51 -4.28
N THR B 383 -27.68 -0.25 -4.54
CA THR B 383 -26.99 -0.96 -5.61
C THR B 383 -26.82 -2.44 -5.25
N TRP B 384 -26.53 -2.74 -3.99
CA TRP B 384 -26.43 -4.15 -3.60
C TRP B 384 -27.77 -4.87 -3.70
N ALA B 385 -28.88 -4.16 -3.43
CA ALA B 385 -30.19 -4.80 -3.55
C ALA B 385 -30.54 -5.07 -5.02
N ASP B 386 -30.24 -4.11 -5.91
CA ASP B 386 -30.35 -4.36 -7.34
C ASP B 386 -29.54 -5.60 -7.74
N LEU B 387 -28.33 -5.76 -7.19
CA LEU B 387 -27.48 -6.88 -7.56
C LEU B 387 -28.10 -8.21 -7.17
N VAL B 388 -28.76 -8.27 -6.01
CA VAL B 388 -29.30 -9.51 -5.49
C VAL B 388 -30.83 -9.53 -5.55
N HIS B 389 -31.42 -8.63 -6.35
CA HIS B 389 -32.88 -8.46 -6.50
C HIS B 389 -33.67 -9.77 -6.47
N PRO B 390 -34.68 -9.88 -5.56
CA PRO B 390 -35.13 -8.94 -4.54
C PRO B 390 -34.67 -9.36 -3.15
N ASP B 391 -33.52 -10.02 -3.02
CA ASP B 391 -33.18 -10.70 -1.77
C ASP B 391 -32.87 -9.73 -0.63
N ALA B 392 -32.51 -8.48 -0.94
CA ALA B 392 -32.14 -7.51 0.08
C ALA B 392 -33.30 -6.59 0.43
N GLN B 393 -34.51 -6.89 -0.05
CA GLN B 393 -35.62 -5.96 0.13
C GLN B 393 -35.93 -5.73 1.60
N ASP B 394 -35.91 -6.80 2.42
CA ASP B 394 -36.10 -6.69 3.87
C ASP B 394 -34.97 -5.96 4.56
N ILE B 395 -33.78 -5.92 3.96
CA ILE B 395 -32.70 -5.08 4.46
C ILE B 395 -32.90 -3.62 4.05
N LEU B 396 -33.29 -3.38 2.80
CA LEU B 396 -33.44 -2.01 2.31
C LEU B 396 -34.62 -1.29 2.97
N ASP B 397 -35.78 -1.96 3.12
CA ASP B 397 -36.93 -1.39 3.82
C ASP B 397 -36.55 -0.94 5.23
N THR B 398 -35.83 -1.79 5.98
CA THR B 398 -35.41 -1.42 7.33
C THR B 398 -34.56 -0.16 7.30
N LEU B 399 -33.61 -0.09 6.36
CA LEU B 399 -32.76 1.09 6.23
C LEU B 399 -33.60 2.33 5.99
N GLU B 400 -34.62 2.21 5.14
CA GLU B 400 -35.43 3.37 4.79
C GLU B 400 -36.37 3.75 5.94
N ASP B 401 -36.84 2.75 6.69
CA ASP B 401 -37.56 3.03 7.94
C ASP B 401 -36.68 3.77 8.93
N ASN B 402 -35.42 3.36 9.06
CA ASN B 402 -34.56 3.95 10.06
C ASN B 402 -34.19 5.37 9.67
N ARG B 403 -34.05 5.63 8.36
CA ARG B 403 -33.79 6.98 7.89
C ARG B 403 -34.97 7.89 8.20
N GLU B 404 -36.19 7.39 7.97
CA GLU B 404 -37.38 8.18 8.26
C GLU B 404 -37.48 8.50 9.74
N TRP B 405 -37.22 7.52 10.60
CA TRP B 405 -37.29 7.75 12.04
C TRP B 405 -36.29 8.83 12.46
N TYR B 406 -35.01 8.66 12.07
CA TYR B 406 -33.99 9.62 12.44
C TYR B 406 -34.35 11.02 11.98
N GLN B 407 -34.81 11.15 10.73
CA GLN B 407 -35.25 12.44 10.24
C GLN B 407 -36.37 13.02 11.12
N SER B 408 -37.24 12.16 11.65
CA SER B 408 -38.34 12.71 12.43
C SER B 408 -37.90 13.19 13.81
N THR B 409 -36.69 12.82 14.25
CA THR B 409 -36.18 13.39 15.49
C THR B 409 -35.61 14.78 15.29
N ILE B 410 -35.51 15.27 14.07
CA ILE B 410 -35.00 16.61 13.79
C ILE B 410 -36.20 17.56 13.76
N PRO B 411 -36.28 18.54 14.66
CA PRO B 411 -37.43 19.46 14.66
C PRO B 411 -37.43 20.35 13.43
N GLN B 412 -38.52 21.10 13.29
CA GLN B 412 -38.56 22.15 12.26
C GLN B 412 -38.21 23.50 12.85
#